data_4DXW
#
_entry.id   4DXW
#
_cell.length_a   163.437
_cell.length_b   163.437
_cell.length_c   61.071
_cell.angle_alpha   90.00
_cell.angle_beta   90.00
_cell.angle_gamma   90.00
#
_symmetry.space_group_name_H-M   'P 42'
#
loop_
_entity.id
_entity.type
_entity.pdbx_description
1 polymer 'Ion transport protein'
2 non-polymer 'nonyl beta-D-glucopyranoside'
3 non-polymer 'CALCIUM ION'
4 non-polymer 1,2-DIMYRISTOYL-SN-GLYCERO-3-PHOSPHOCHOLINE
5 water water
#
_entity_poly.entity_id   1
_entity_poly.type   'polypeptide(L)'
_entity_poly.pdbx_seq_one_letter_code
;MTPFFSSLKDNRIFQFTVVSIIILNAVLIGATTYELDPLFLETIHLLDYGITIFFVIEILIRFIGEKQKADFFKSGWNIF
DTVIVAISLIPIPNNSSFLVLRLLRIFRVLRLISVIPELKQIIEAILESVRRVFFVSLLLFIILYIYATMGAILFGNDDP
SRWGDLGISLITLFQVLTLSSWETVMLPMQEIYWWSWVYFFSFIIICSITILNLVIAILVDVVIQKKLE
;
_entity_poly.pdbx_strand_id   A,B,C,D
#
loop_
_chem_comp.id
_chem_comp.type
_chem_comp.name
_chem_comp.formula
BNG D-saccharide 'nonyl beta-D-glucopyranoside' 'C15 H30 O6'
CA non-polymer 'CALCIUM ION' 'Ca 2'
PX4 non-polymer 1,2-DIMYRISTOYL-SN-GLYCERO-3-PHOSPHOCHOLINE 'C36 H73 N O8 P 1'
#
# COMPACT_ATOMS: atom_id res chain seq x y z
N THR A 2 -2.51 26.01 44.40
CA THR A 2 -2.91 24.76 43.78
C THR A 2 -2.51 24.67 42.30
N PRO A 3 -1.20 24.83 42.00
CA PRO A 3 -0.67 24.80 40.63
C PRO A 3 -0.14 23.42 40.25
N PHE A 4 0.08 22.59 41.26
CA PHE A 4 0.73 21.28 41.15
C PHE A 4 0.24 20.41 39.98
N PHE A 5 -1.08 20.38 39.79
CA PHE A 5 -1.70 19.54 38.75
C PHE A 5 -1.81 20.24 37.41
N SER A 6 -2.58 21.33 37.39
CA SER A 6 -2.62 22.22 36.22
C SER A 6 -1.18 22.66 35.90
N SER A 7 -0.31 21.66 35.76
CA SER A 7 1.14 21.85 35.60
C SER A 7 1.92 20.54 35.81
N LEU A 8 1.24 19.41 35.67
CA LEU A 8 1.89 18.10 35.81
C LEU A 8 1.43 17.10 34.74
N LYS A 9 0.24 17.32 34.20
CA LYS A 9 -0.21 16.60 33.01
C LYS A 9 0.74 16.95 31.85
N ASP A 10 1.61 17.93 32.08
CA ASP A 10 2.41 18.51 31.02
C ASP A 10 3.91 18.28 31.15
N ASN A 11 4.29 17.24 31.87
CA ASN A 11 5.68 16.79 31.89
C ASN A 11 5.96 15.61 30.93
N ARG A 12 6.81 15.82 29.93
CA ARG A 12 7.18 14.78 28.98
C ARG A 12 7.38 13.43 29.68
N ILE A 13 8.16 13.47 30.75
CA ILE A 13 8.61 12.25 31.41
C ILE A 13 7.54 11.59 32.28
N PHE A 14 6.81 12.40 33.05
CA PHE A 14 5.66 11.92 33.80
C PHE A 14 4.61 11.33 32.86
N GLN A 15 4.44 11.96 31.70
CA GLN A 15 3.58 11.38 30.66
C GLN A 15 4.04 9.98 30.33
N PHE A 16 5.22 9.84 29.72
CA PHE A 16 5.64 8.51 29.27
C PHE A 16 5.56 7.47 30.38
N THR A 17 5.89 7.86 31.60
CA THR A 17 5.59 7.02 32.77
C THR A 17 4.12 6.56 32.78
N VAL A 18 3.22 7.54 32.71
CA VAL A 18 1.79 7.28 32.91
C VAL A 18 1.22 6.43 31.77
N VAL A 19 1.74 6.62 30.58
CA VAL A 19 1.37 5.75 29.48
C VAL A 19 1.88 4.34 29.69
N SER A 20 3.17 4.21 30.00
CA SER A 20 3.72 2.90 30.28
C SER A 20 2.82 2.14 31.25
N ILE A 21 2.35 2.83 32.28
CA ILE A 21 1.53 2.16 33.29
C ILE A 21 0.11 1.85 32.85
N ILE A 22 -0.52 2.77 32.14
CA ILE A 22 -1.87 2.48 31.65
C ILE A 22 -1.77 1.25 30.81
N ILE A 23 -1.00 1.40 29.75
CA ILE A 23 -0.70 0.33 28.81
C ILE A 23 -0.41 -1.01 29.45
N LEU A 24 0.55 -1.03 30.38
CA LEU A 24 0.84 -2.25 31.12
C LEU A 24 -0.42 -2.76 31.81
N ASN A 25 -0.90 -2.01 32.80
CA ASN A 25 -2.20 -2.30 33.36
C ASN A 25 -3.26 -2.12 32.30
N ALA A 26 -3.08 -2.79 31.17
CA ALA A 26 -4.04 -2.78 30.06
C ALA A 26 -3.79 -3.96 29.14
N VAL A 27 -2.53 -4.38 29.07
CA VAL A 27 -2.14 -5.51 28.25
C VAL A 27 -2.03 -6.74 29.13
N LEU A 28 -1.62 -6.53 30.38
CA LEU A 28 -1.49 -7.61 31.34
C LEU A 28 -2.86 -8.20 31.68
N ILE A 29 -3.82 -7.32 31.94
CA ILE A 29 -5.17 -7.73 32.34
C ILE A 29 -5.92 -8.45 31.20
N GLY A 30 -6.00 -9.78 31.29
CA GLY A 30 -5.54 -10.52 32.45
C GLY A 30 -5.57 -12.03 32.29
N ALA A 31 -5.07 -12.49 31.15
CA ALA A 31 -5.02 -13.92 30.85
C ALA A 31 -3.82 -14.58 31.52
N THR A 32 -3.09 -13.81 32.33
CA THR A 32 -1.89 -14.31 32.99
C THR A 32 -1.51 -13.52 34.26
N THR A 33 -1.88 -14.08 35.41
CA THR A 33 -1.61 -13.47 36.71
C THR A 33 -1.40 -14.56 37.78
N TYR A 34 -1.47 -15.81 37.34
CA TYR A 34 -1.32 -16.99 38.20
C TYR A 34 0.02 -16.98 38.96
N GLU A 35 1.10 -16.69 38.23
CA GLU A 35 2.44 -16.77 38.80
C GLU A 35 3.12 -15.40 38.95
N LEU A 36 3.11 -14.61 37.88
CA LEU A 36 3.88 -13.38 37.80
C LEU A 36 3.77 -12.60 39.10
N ASP A 37 4.91 -12.06 39.54
CA ASP A 37 5.01 -11.37 40.82
C ASP A 37 3.67 -10.78 41.20
N PRO A 38 2.89 -11.51 42.00
CA PRO A 38 1.55 -11.11 42.44
C PRO A 38 1.57 -9.69 43.01
N LEU A 39 2.48 -9.47 43.96
CA LEU A 39 2.76 -8.13 44.46
C LEU A 39 2.90 -7.15 43.29
N PHE A 40 3.50 -7.61 42.20
CA PHE A 40 3.81 -6.70 41.11
C PHE A 40 2.61 -6.28 40.22
N LEU A 41 1.80 -7.24 39.77
CA LEU A 41 0.59 -6.88 39.01
C LEU A 41 -0.41 -6.13 39.89
N GLU A 42 -0.59 -6.61 41.12
CA GLU A 42 -1.42 -5.92 42.10
C GLU A 42 -1.01 -4.45 42.21
N THR A 43 0.31 -4.23 42.36
CA THR A 43 0.87 -2.89 42.35
C THR A 43 0.42 -2.15 41.11
N ILE A 44 0.62 -2.76 39.95
CA ILE A 44 0.29 -2.15 38.66
C ILE A 44 -1.15 -1.64 38.56
N HIS A 45 -2.09 -2.40 39.14
CA HIS A 45 -3.51 -2.03 39.14
C HIS A 45 -3.71 -0.86 40.07
N LEU A 46 -3.08 -0.96 41.24
CA LEU A 46 -3.16 0.07 42.27
C LEU A 46 -2.74 1.42 41.74
N LEU A 47 -1.56 1.49 41.13
CA LEU A 47 -1.03 2.74 40.57
C LEU A 47 -1.74 3.17 39.31
N ASP A 48 -2.26 2.21 38.54
CA ASP A 48 -3.09 2.55 37.41
C ASP A 48 -4.28 3.37 37.92
N TYR A 49 -4.96 2.79 38.90
CA TYR A 49 -6.07 3.47 39.54
C TYR A 49 -5.63 4.81 40.15
N GLY A 50 -4.46 4.81 40.79
CA GLY A 50 -3.92 6.02 41.37
C GLY A 50 -3.91 7.06 40.28
N ILE A 51 -3.54 6.64 39.08
CA ILE A 51 -3.46 7.54 37.94
C ILE A 51 -4.82 8.17 37.65
N THR A 52 -5.84 7.34 37.45
CA THR A 52 -7.15 7.96 37.18
C THR A 52 -7.65 8.87 38.34
N ILE A 53 -7.33 8.53 39.58
CA ILE A 53 -7.70 9.36 40.73
C ILE A 53 -7.04 10.71 40.56
N PHE A 54 -5.78 10.65 40.17
CA PHE A 54 -4.98 11.82 39.87
C PHE A 54 -5.63 12.69 38.79
N PHE A 55 -6.15 12.08 37.73
CA PHE A 55 -6.83 12.87 36.70
C PHE A 55 -8.14 13.50 37.17
N VAL A 56 -8.87 12.77 37.99
CA VAL A 56 -10.07 13.33 38.59
C VAL A 56 -9.74 14.58 39.42
N ILE A 57 -8.70 14.48 40.24
CA ILE A 57 -8.28 15.65 41.02
C ILE A 57 -7.84 16.78 40.11
N GLU A 58 -7.12 16.44 39.04
CA GLU A 58 -6.70 17.44 38.07
C GLU A 58 -7.90 18.24 37.59
N ILE A 59 -8.84 17.58 36.91
CA ILE A 59 -10.00 18.33 36.45
C ILE A 59 -10.57 19.17 37.58
N LEU A 60 -11.02 18.56 38.67
CA LEU A 60 -11.68 19.39 39.68
C LEU A 60 -10.87 20.65 39.90
N ILE A 61 -9.56 20.48 40.01
CA ILE A 61 -8.67 21.56 40.40
C ILE A 61 -8.54 22.68 39.36
N ARG A 62 -8.65 22.34 38.08
CA ARG A 62 -8.52 23.36 37.03
C ARG A 62 -9.88 23.97 36.71
N PHE A 63 -10.91 23.13 36.82
CA PHE A 63 -12.29 23.54 36.87
C PHE A 63 -12.41 24.72 37.81
N ILE A 64 -12.15 24.47 39.10
CA ILE A 64 -12.35 25.46 40.17
C ILE A 64 -11.74 26.84 39.84
N GLY A 65 -10.57 26.84 39.23
CA GLY A 65 -9.97 28.06 38.72
C GLY A 65 -10.69 28.52 37.47
N SER A 75 -16.80 23.19 25.00
CA SER A 75 -15.52 22.53 24.65
C SER A 75 -15.57 20.99 24.69
N GLY A 76 -15.13 20.34 23.60
CA GLY A 76 -15.24 18.90 23.47
C GLY A 76 -14.33 18.06 24.38
N TRP A 77 -13.08 18.49 24.50
CA TRP A 77 -12.07 17.75 25.24
C TRP A 77 -12.19 17.74 26.78
N ASN A 78 -12.89 18.71 27.35
CA ASN A 78 -13.19 18.63 28.78
C ASN A 78 -14.40 17.71 29.01
N ILE A 79 -15.20 17.52 27.96
CA ILE A 79 -16.36 16.63 28.04
C ILE A 79 -15.92 15.18 27.88
N PHE A 80 -15.08 14.94 26.88
CA PHE A 80 -14.53 13.60 26.65
C PHE A 80 -13.58 13.23 27.78
N ASP A 81 -12.85 14.21 28.28
CA ASP A 81 -11.92 14.01 29.38
C ASP A 81 -12.70 13.72 30.67
N THR A 82 -13.77 14.46 30.89
CA THR A 82 -14.58 14.28 32.10
C THR A 82 -15.37 12.98 32.10
N VAL A 83 -15.88 12.59 30.94
CA VAL A 83 -16.70 11.40 30.81
C VAL A 83 -15.85 10.14 30.86
N ILE A 84 -14.65 10.25 30.33
CA ILE A 84 -13.70 9.14 30.36
C ILE A 84 -13.10 8.94 31.76
N VAL A 85 -12.54 9.99 32.35
CA VAL A 85 -12.01 9.86 33.69
C VAL A 85 -13.13 9.49 34.62
N ALA A 86 -14.37 9.77 34.21
CA ALA A 86 -15.55 9.47 35.02
C ALA A 86 -15.87 7.97 34.96
N ILE A 87 -15.91 7.41 33.75
CA ILE A 87 -16.05 5.97 33.54
C ILE A 87 -14.89 5.15 34.13
N SER A 88 -13.68 5.68 34.01
CA SER A 88 -12.47 4.98 34.43
C SER A 88 -12.40 4.81 35.94
N LEU A 89 -13.27 5.56 36.62
CA LEU A 89 -13.32 5.61 38.09
C LEU A 89 -14.15 4.43 38.65
N ILE A 90 -14.94 3.83 37.77
CA ILE A 90 -15.74 2.67 38.14
C ILE A 90 -14.93 1.37 38.14
N PRO A 91 -15.22 0.49 39.10
CA PRO A 91 -14.73 -0.91 39.18
C PRO A 91 -15.32 -1.82 38.09
N VAL A 100 -21.78 -6.04 27.89
CA VAL A 100 -22.46 -4.80 28.26
C VAL A 100 -21.58 -4.02 29.22
N LEU A 101 -20.77 -4.75 29.99
CA LEU A 101 -19.87 -4.16 30.97
C LEU A 101 -18.42 -4.64 30.84
N ARG A 102 -18.20 -5.83 30.28
CA ARG A 102 -16.84 -6.23 29.99
C ARG A 102 -16.19 -5.09 29.19
N LEU A 103 -17.04 -4.28 28.55
CA LEU A 103 -16.63 -3.12 27.75
C LEU A 103 -16.36 -1.90 28.65
N LEU A 104 -16.05 -2.18 29.92
CA LEU A 104 -15.61 -1.18 30.88
C LEU A 104 -14.15 -0.88 30.60
N ARG A 105 -13.30 -1.88 30.82
CA ARG A 105 -11.84 -1.77 30.60
C ARG A 105 -11.49 -0.98 29.33
N ILE A 106 -12.34 -1.04 28.31
CA ILE A 106 -12.04 -0.35 27.06
C ILE A 106 -11.92 1.14 27.29
N PHE A 107 -12.96 1.73 27.87
CA PHE A 107 -12.96 3.17 28.11
C PHE A 107 -11.68 3.67 28.76
N ARG A 108 -11.22 3.00 29.81
CA ARG A 108 -9.98 3.45 30.47
C ARG A 108 -8.81 3.65 29.52
N VAL A 109 -8.60 2.75 28.57
CA VAL A 109 -7.46 2.88 27.68
C VAL A 109 -7.48 4.26 27.04
N LEU A 110 -8.68 4.86 26.95
CA LEU A 110 -8.89 6.18 26.33
C LEU A 110 -8.36 7.37 27.13
N ARG A 111 -7.96 7.17 28.38
CA ARG A 111 -7.45 8.30 29.12
C ARG A 111 -6.04 8.67 28.64
N LEU A 112 -5.49 7.84 27.74
CA LEU A 112 -4.22 8.14 27.09
C LEU A 112 -4.33 9.41 26.28
N ILE A 113 -5.48 9.59 25.66
CA ILE A 113 -5.74 10.75 24.83
C ILE A 113 -5.86 12.01 25.69
N SER A 114 -6.25 11.81 26.94
CA SER A 114 -6.37 12.91 27.89
C SER A 114 -4.99 13.29 28.41
N VAL A 115 -4.09 12.31 28.43
CA VAL A 115 -2.71 12.55 28.87
C VAL A 115 -1.90 13.32 27.84
N ILE A 116 -2.00 12.90 26.58
CA ILE A 116 -1.06 13.25 25.52
C ILE A 116 -1.64 14.31 24.54
N PRO A 117 -1.41 15.60 24.80
CA PRO A 117 -2.03 16.60 23.92
C PRO A 117 -2.02 16.16 22.44
N GLU A 118 -0.98 15.42 22.06
CA GLU A 118 -0.73 15.09 20.65
C GLU A 118 -1.79 14.20 20.00
N LEU A 119 -2.22 13.19 20.75
CA LEU A 119 -3.34 12.39 20.32
C LEU A 119 -4.59 13.29 20.16
N LYS A 120 -4.73 14.29 21.02
CA LYS A 120 -5.84 15.23 20.89
C LYS A 120 -5.77 15.97 19.54
N GLN A 121 -4.61 16.55 19.25
CA GLN A 121 -4.43 17.25 17.97
C GLN A 121 -4.67 16.37 16.73
N ILE A 122 -4.25 15.10 16.82
CA ILE A 122 -4.37 14.10 15.74
C ILE A 122 -5.79 13.58 15.46
N ILE A 123 -6.51 13.30 16.54
CA ILE A 123 -7.94 13.04 16.49
C ILE A 123 -8.73 14.23 15.92
N GLU A 124 -8.35 15.44 16.32
CA GLU A 124 -8.92 16.63 15.69
C GLU A 124 -8.71 16.66 14.17
N ALA A 125 -7.47 16.49 13.72
CA ALA A 125 -7.21 16.47 12.28
C ALA A 125 -7.95 15.34 11.52
N ILE A 126 -8.01 14.14 12.09
CA ILE A 126 -8.81 13.02 11.54
C ILE A 126 -10.32 13.40 11.37
N LEU A 127 -10.93 13.94 12.43
CA LEU A 127 -12.28 14.45 12.29
C LEU A 127 -12.41 15.51 11.16
N GLU A 128 -11.38 16.32 10.91
CA GLU A 128 -11.44 17.14 9.69
C GLU A 128 -11.44 16.28 8.39
N SER A 129 -10.73 15.13 8.39
CA SER A 129 -10.75 14.17 7.26
C SER A 129 -12.16 13.65 6.89
N VAL A 130 -12.97 13.47 7.93
CA VAL A 130 -14.27 12.81 7.77
C VAL A 130 -15.25 13.33 6.69
N ARG A 131 -15.42 14.63 6.51
CA ARG A 131 -16.41 15.06 5.53
C ARG A 131 -16.08 14.45 4.15
N ARG A 132 -14.87 14.72 3.68
CA ARG A 132 -14.46 14.23 2.35
C ARG A 132 -14.46 12.72 2.27
N VAL A 133 -14.00 12.07 3.34
CA VAL A 133 -14.05 10.60 3.33
C VAL A 133 -15.48 10.04 3.21
N PHE A 134 -16.43 10.61 3.93
CA PHE A 134 -17.80 10.16 3.81
C PHE A 134 -18.27 10.29 2.37
N PHE A 135 -17.96 11.43 1.75
CA PHE A 135 -18.35 11.65 0.35
C PHE A 135 -17.73 10.67 -0.65
N VAL A 136 -16.41 10.59 -0.67
CA VAL A 136 -15.76 9.58 -1.51
C VAL A 136 -16.32 8.17 -1.23
N SER A 137 -16.59 7.83 0.03
CA SER A 137 -17.17 6.52 0.36
C SER A 137 -18.54 6.37 -0.28
N LEU A 138 -19.27 7.47 -0.40
CA LEU A 138 -20.49 7.39 -1.17
C LEU A 138 -20.14 6.93 -2.58
N LEU A 139 -19.28 7.69 -3.25
CA LEU A 139 -18.92 7.35 -4.62
C LEU A 139 -18.52 5.87 -4.78
N LEU A 140 -17.64 5.41 -3.89
CA LEU A 140 -17.13 4.05 -3.92
C LEU A 140 -18.21 3.04 -3.62
N PHE A 141 -19.20 3.47 -2.87
CA PHE A 141 -20.35 2.65 -2.63
C PHE A 141 -21.08 2.46 -3.95
N ILE A 142 -21.16 3.53 -4.75
CA ILE A 142 -21.90 3.52 -6.03
C ILE A 142 -21.23 2.63 -7.08
N ILE A 143 -19.91 2.76 -7.18
CA ILE A 143 -19.05 1.85 -7.99
C ILE A 143 -19.17 0.38 -7.55
N LEU A 144 -18.91 0.11 -6.26
CA LEU A 144 -19.10 -1.22 -5.73
C LEU A 144 -20.53 -1.75 -5.94
N TYR A 145 -21.50 -0.85 -6.02
CA TYR A 145 -22.89 -1.29 -6.18
C TYR A 145 -23.09 -1.73 -7.62
N ILE A 146 -22.77 -0.85 -8.54
CA ILE A 146 -22.90 -1.14 -9.96
C ILE A 146 -22.19 -2.45 -10.26
N TYR A 147 -21.00 -2.58 -9.70
CA TYR A 147 -20.23 -3.79 -9.94
C TYR A 147 -20.82 -5.03 -9.30
N ALA A 148 -21.09 -4.98 -8.00
CA ALA A 148 -21.60 -6.15 -7.27
C ALA A 148 -22.93 -6.61 -7.81
N THR A 149 -23.62 -5.71 -8.50
CA THR A 149 -24.91 -5.99 -9.17
C THR A 149 -24.60 -6.74 -10.48
N MET A 150 -23.78 -6.10 -11.33
CA MET A 150 -23.28 -6.72 -12.58
C MET A 150 -22.76 -8.17 -12.38
N GLY A 151 -21.99 -8.39 -11.33
CA GLY A 151 -21.41 -9.69 -11.06
C GLY A 151 -22.33 -10.57 -10.23
N ALA A 152 -23.26 -9.96 -9.52
CA ALA A 152 -24.32 -10.71 -8.88
C ALA A 152 -25.05 -11.48 -9.96
N ILE A 153 -25.27 -10.83 -11.10
CA ILE A 153 -25.83 -11.52 -12.27
C ILE A 153 -24.85 -12.48 -12.94
N LEU A 154 -23.67 -11.95 -13.32
CA LEU A 154 -22.66 -12.70 -14.08
C LEU A 154 -22.19 -14.02 -13.46
N PHE A 155 -21.64 -13.94 -12.24
CA PHE A 155 -21.02 -15.12 -11.62
C PHE A 155 -21.85 -15.77 -10.52
N GLY A 156 -23.13 -15.47 -10.47
CA GLY A 156 -23.96 -15.93 -9.36
C GLY A 156 -24.22 -17.42 -9.37
N ASN A 157 -24.43 -17.98 -10.58
CA ASN A 157 -24.80 -19.39 -10.72
C ASN A 157 -23.57 -20.28 -10.89
N ASP A 158 -22.40 -19.66 -11.01
CA ASP A 158 -21.14 -20.39 -11.14
C ASP A 158 -20.46 -20.48 -9.78
N ASP A 159 -20.35 -19.34 -9.11
CA ASP A 159 -19.73 -19.27 -7.80
C ASP A 159 -20.60 -18.38 -6.97
N PRO A 160 -21.42 -18.98 -6.09
CA PRO A 160 -22.40 -18.12 -5.42
C PRO A 160 -22.15 -17.92 -3.93
N SER A 161 -21.13 -18.55 -3.36
CA SER A 161 -20.76 -18.24 -1.98
C SER A 161 -20.06 -16.88 -1.97
N ARG A 162 -19.87 -16.31 -3.15
CA ARG A 162 -19.46 -14.92 -3.19
C ARG A 162 -20.13 -13.99 -4.22
N TRP A 163 -21.12 -14.48 -4.94
CA TRP A 163 -21.86 -13.67 -5.92
C TRP A 163 -23.36 -14.07 -5.91
N GLY A 164 -23.77 -14.77 -4.86
CA GLY A 164 -25.12 -15.29 -4.75
C GLY A 164 -26.17 -14.26 -4.38
N ASP A 165 -25.76 -13.20 -3.69
CA ASP A 165 -26.66 -12.10 -3.33
C ASP A 165 -25.89 -10.79 -3.15
N LEU A 166 -26.60 -9.66 -3.26
CA LEU A 166 -25.97 -8.34 -3.13
C LEU A 166 -25.02 -8.25 -1.94
N GLY A 167 -25.47 -8.75 -0.78
CA GLY A 167 -24.64 -8.79 0.41
C GLY A 167 -23.24 -9.33 0.14
N ILE A 168 -23.16 -10.58 -0.32
CA ILE A 168 -21.86 -11.22 -0.52
C ILE A 168 -21.14 -10.67 -1.76
N SER A 169 -21.87 -10.14 -2.72
CA SER A 169 -21.19 -9.54 -3.85
C SER A 169 -20.44 -8.27 -3.40
N LEU A 170 -21.10 -7.47 -2.56
CA LEU A 170 -20.49 -6.27 -2.02
C LEU A 170 -19.32 -6.58 -1.06
N ILE A 171 -19.49 -7.59 -0.22
CA ILE A 171 -18.43 -7.95 0.71
C ILE A 171 -17.21 -8.44 -0.07
N THR A 172 -17.49 -9.27 -1.06
CA THR A 172 -16.46 -9.88 -1.90
C THR A 172 -15.72 -8.84 -2.73
N LEU A 173 -16.45 -7.95 -3.39
CA LEU A 173 -15.87 -6.79 -4.07
C LEU A 173 -15.09 -5.84 -3.15
N PHE A 174 -15.48 -5.71 -1.89
CA PHE A 174 -14.63 -5.00 -0.93
C PHE A 174 -13.27 -5.70 -0.72
N GLN A 175 -13.28 -7.01 -0.48
CA GLN A 175 -12.01 -7.75 -0.45
C GLN A 175 -11.17 -7.54 -1.73
N VAL A 176 -11.79 -7.66 -2.91
CA VAL A 176 -11.02 -7.39 -4.14
C VAL A 176 -10.42 -6.00 -4.09
N LEU A 177 -11.23 -5.05 -3.61
CA LEU A 177 -10.86 -3.64 -3.60
C LEU A 177 -9.68 -3.36 -2.72
N THR A 178 -9.46 -4.16 -1.68
CA THR A 178 -8.24 -3.99 -0.86
C THR A 178 -7.10 -4.81 -1.35
N LEU A 179 -7.19 -5.28 -2.59
CA LEU A 179 -6.17 -6.09 -3.24
C LEU A 179 -5.77 -7.35 -2.46
N SER A 180 -6.62 -7.80 -1.54
CA SER A 180 -6.30 -8.93 -0.68
C SER A 180 -6.71 -10.25 -1.29
N SER A 181 -5.73 -11.04 -1.72
CA SER A 181 -5.98 -12.39 -2.20
C SER A 181 -6.95 -12.38 -3.38
N TRP A 182 -6.87 -11.36 -4.24
CA TRP A 182 -7.94 -11.17 -5.20
C TRP A 182 -7.98 -12.12 -6.39
N GLU A 183 -6.82 -12.61 -6.84
CA GLU A 183 -6.81 -13.61 -7.93
C GLU A 183 -7.76 -14.83 -7.67
N THR A 184 -7.88 -15.23 -6.39
CA THR A 184 -8.77 -16.31 -5.94
C THR A 184 -10.25 -16.02 -6.22
N VAL A 185 -10.62 -14.75 -6.28
CA VAL A 185 -11.95 -14.38 -6.71
C VAL A 185 -11.99 -14.43 -8.23
N MET A 186 -10.96 -13.88 -8.86
CA MET A 186 -11.09 -13.54 -10.27
C MET A 186 -10.77 -14.69 -11.23
N LEU A 187 -9.72 -15.43 -10.89
CA LEU A 187 -9.23 -16.55 -11.69
C LEU A 187 -10.24 -17.66 -12.01
N PRO A 188 -11.01 -18.09 -11.00
CA PRO A 188 -12.02 -19.11 -11.20
C PRO A 188 -13.20 -18.62 -12.04
N MET A 189 -13.27 -17.32 -12.29
CA MET A 189 -14.27 -16.81 -13.22
C MET A 189 -13.62 -16.66 -14.55
N GLN A 190 -12.29 -16.54 -14.52
CA GLN A 190 -11.51 -16.35 -15.74
C GLN A 190 -11.54 -17.61 -16.57
N GLU A 191 -11.53 -18.77 -15.90
CA GLU A 191 -11.63 -20.04 -16.65
C GLU A 191 -13.05 -20.51 -16.96
N ILE A 192 -14.03 -19.65 -16.72
CA ILE A 192 -15.38 -19.86 -17.21
C ILE A 192 -15.71 -18.79 -18.27
N TYR A 193 -15.16 -17.59 -18.07
CA TYR A 193 -15.43 -16.43 -18.93
C TYR A 193 -14.14 -15.69 -19.30
N TRP A 194 -13.96 -15.38 -20.58
CA TRP A 194 -12.66 -14.89 -21.02
C TRP A 194 -12.44 -13.43 -20.67
N TRP A 195 -13.55 -12.71 -20.51
CA TRP A 195 -13.54 -11.26 -20.30
C TRP A 195 -13.57 -10.84 -18.83
N SER A 196 -13.45 -11.81 -17.92
CA SER A 196 -13.50 -11.45 -16.50
C SER A 196 -12.41 -10.44 -16.25
N TRP A 197 -11.20 -10.73 -16.72
CA TRP A 197 -10.11 -9.82 -16.46
C TRP A 197 -10.63 -8.41 -16.67
N VAL A 198 -11.51 -8.20 -17.63
CA VAL A 198 -11.97 -6.82 -17.88
C VAL A 198 -12.79 -6.27 -16.71
N TYR A 199 -13.70 -7.10 -16.22
CA TYR A 199 -14.55 -6.79 -15.06
C TYR A 199 -13.70 -6.46 -13.81
N PHE A 200 -12.80 -7.35 -13.42
CA PHE A 200 -11.97 -7.10 -12.22
C PHE A 200 -10.89 -6.02 -12.38
N PHE A 201 -10.17 -6.05 -13.50
CA PHE A 201 -9.09 -5.08 -13.75
C PHE A 201 -9.62 -3.65 -13.84
N SER A 202 -10.66 -3.45 -14.66
CA SER A 202 -11.29 -2.13 -14.74
C SER A 202 -11.85 -1.72 -13.38
N PHE A 203 -12.50 -2.65 -12.67
CA PHE A 203 -12.98 -2.31 -11.35
C PHE A 203 -11.88 -1.72 -10.47
N ILE A 204 -10.81 -2.50 -10.27
CA ILE A 204 -9.64 -2.02 -9.56
C ILE A 204 -9.11 -0.65 -10.06
N ILE A 205 -8.91 -0.49 -11.38
CA ILE A 205 -8.35 0.78 -11.83
C ILE A 205 -9.24 1.91 -11.39
N ILE A 206 -10.55 1.76 -11.62
CA ILE A 206 -11.51 2.77 -11.20
C ILE A 206 -11.32 3.15 -9.75
N CYS A 207 -11.52 2.18 -8.87
CA CYS A 207 -11.37 2.42 -7.44
C CYS A 207 -10.09 3.16 -7.10
N SER A 208 -8.99 2.67 -7.63
CA SER A 208 -7.69 3.32 -7.47
C SER A 208 -7.80 4.80 -7.80
N ILE A 209 -8.13 5.11 -9.05
CA ILE A 209 -8.30 6.51 -9.45
C ILE A 209 -9.12 7.34 -8.45
N THR A 210 -10.28 6.82 -8.04
CA THR A 210 -11.13 7.59 -7.12
C THR A 210 -10.43 7.86 -5.77
N ILE A 211 -9.79 6.83 -5.24
CA ILE A 211 -9.05 6.89 -3.98
C ILE A 211 -7.87 7.86 -4.01
N LEU A 212 -7.07 7.78 -5.07
CA LEU A 212 -5.99 8.72 -5.24
C LEU A 212 -6.56 10.12 -5.19
N ASN A 213 -7.73 10.32 -5.80
CA ASN A 213 -8.39 11.63 -5.68
C ASN A 213 -8.86 12.01 -4.26
N LEU A 214 -9.15 11.01 -3.45
CA LEU A 214 -9.35 11.23 -2.01
C LEU A 214 -8.09 11.73 -1.31
N VAL A 215 -7.02 10.91 -1.36
CA VAL A 215 -5.74 11.28 -0.74
C VAL A 215 -5.37 12.73 -1.04
N ILE A 216 -5.26 13.03 -2.32
CA ILE A 216 -4.94 14.39 -2.71
C ILE A 216 -5.93 15.37 -2.17
N ALA A 217 -7.23 15.10 -2.32
CA ALA A 217 -8.20 16.11 -1.88
C ALA A 217 -7.99 16.47 -0.41
N ILE A 218 -7.79 15.45 0.43
CA ILE A 218 -7.50 15.66 1.84
C ILE A 218 -6.23 16.49 2.06
N LEU A 219 -5.17 16.17 1.34
CA LEU A 219 -3.95 16.98 1.35
C LEU A 219 -4.22 18.47 1.02
N VAL A 220 -4.74 18.74 -0.18
CA VAL A 220 -5.12 20.10 -0.54
C VAL A 220 -5.87 20.76 0.61
N ASP A 221 -6.94 20.10 1.07
CA ASP A 221 -7.71 20.54 2.22
C ASP A 221 -6.81 21.05 3.32
N VAL A 222 -5.86 20.22 3.71
CA VAL A 222 -5.03 20.57 4.84
C VAL A 222 -4.16 21.79 4.57
N VAL A 223 -3.52 21.86 3.39
CA VAL A 223 -2.65 23.03 3.17
C VAL A 223 -3.48 24.31 2.95
N ILE A 224 -4.73 24.12 2.57
CA ILE A 224 -5.64 25.23 2.37
C ILE A 224 -6.16 25.67 3.73
N GLN A 225 -5.99 24.81 4.74
CA GLN A 225 -6.19 25.29 6.10
C GLN A 225 -5.01 26.13 6.64
N LYS A 226 -4.26 26.87 5.78
CA LYS A 226 -3.18 27.77 6.26
C LYS A 226 -2.23 28.54 5.27
N LYS A 227 -1.60 27.82 4.33
CA LYS A 227 -0.34 28.27 3.68
C LYS A 227 -0.26 29.00 2.31
N LEU A 228 -1.12 29.97 2.02
CA LEU A 228 -1.02 30.62 0.72
C LEU A 228 -1.62 32.05 0.73
N PHE B 4 46.14 12.45 -2.25
CA PHE B 4 45.79 11.30 -3.09
C PHE B 4 44.39 10.73 -2.78
N PHE B 5 44.08 10.60 -1.49
CA PHE B 5 42.87 9.92 -1.02
C PHE B 5 41.65 10.80 -0.84
N SER B 6 41.87 12.03 -0.37
CA SER B 6 40.76 12.95 -0.08
C SER B 6 39.83 13.16 -1.28
N SER B 7 40.23 12.61 -2.42
CA SER B 7 39.58 12.89 -3.69
C SER B 7 38.55 11.83 -4.16
N LEU B 8 38.87 10.55 -4.00
CA LEU B 8 38.09 9.44 -4.60
C LEU B 8 36.73 9.10 -3.94
N LYS B 9 36.53 9.50 -2.69
CA LYS B 9 35.29 9.25 -1.97
C LYS B 9 34.09 10.03 -2.54
N ASP B 10 34.34 10.81 -3.59
CA ASP B 10 33.32 11.68 -4.18
C ASP B 10 32.90 11.25 -5.61
N ASN B 11 33.45 10.13 -6.10
CA ASN B 11 33.20 9.65 -7.46
C ASN B 11 32.01 8.69 -7.53
N ARG B 12 31.00 9.02 -8.34
CA ARG B 12 29.81 8.16 -8.47
C ARG B 12 30.13 6.73 -8.98
N ILE B 13 31.05 6.60 -9.93
CA ILE B 13 31.44 5.29 -10.44
C ILE B 13 32.22 4.45 -9.41
N PHE B 14 33.10 5.10 -8.66
CA PHE B 14 33.81 4.43 -7.57
C PHE B 14 32.84 3.98 -6.45
N GLN B 15 31.95 4.87 -6.01
CA GLN B 15 30.94 4.55 -4.99
C GLN B 15 30.01 3.43 -5.44
N PHE B 16 29.64 3.41 -6.72
CA PHE B 16 28.81 2.34 -7.24
C PHE B 16 29.55 0.99 -7.25
N THR B 17 30.76 0.96 -7.82
CA THR B 17 31.48 -0.31 -7.83
C THR B 17 31.73 -0.80 -6.40
N VAL B 18 32.13 0.12 -5.52
CA VAL B 18 32.43 -0.22 -4.13
C VAL B 18 31.22 -0.74 -3.39
N VAL B 19 30.13 -0.01 -3.48
CA VAL B 19 28.85 -0.48 -2.95
C VAL B 19 28.55 -1.88 -3.49
N SER B 20 28.68 -2.05 -4.80
CA SER B 20 28.42 -3.35 -5.40
C SER B 20 29.26 -4.43 -4.72
N ILE B 21 30.56 -4.17 -4.57
CA ILE B 21 31.49 -5.12 -3.99
C ILE B 21 31.12 -5.46 -2.56
N ILE B 22 30.66 -4.45 -1.83
CA ILE B 22 30.28 -4.64 -0.44
C ILE B 22 29.08 -5.57 -0.32
N ILE B 23 28.06 -5.30 -1.14
CA ILE B 23 26.85 -6.13 -1.19
C ILE B 23 27.12 -7.57 -1.59
N LEU B 24 27.81 -7.75 -2.72
CA LEU B 24 28.17 -9.08 -3.20
C LEU B 24 28.97 -9.83 -2.15
N ASN B 25 29.85 -9.11 -1.47
CA ASN B 25 30.68 -9.70 -0.42
C ASN B 25 29.86 -10.11 0.81
N ALA B 26 28.76 -9.40 1.06
CA ALA B 26 27.94 -9.72 2.22
C ALA B 26 26.82 -10.73 1.94
N VAL B 27 26.46 -10.89 0.68
CA VAL B 27 25.42 -11.85 0.27
C VAL B 27 25.90 -13.26 -0.16
N LEU B 28 27.06 -13.31 -0.83
CA LEU B 28 27.70 -14.59 -1.19
C LEU B 28 28.31 -15.26 0.04
N ILE B 29 27.61 -16.28 0.54
CA ILE B 29 27.95 -16.97 1.79
C ILE B 29 26.78 -17.89 2.12
N GLY B 30 27.05 -19.16 2.43
CA GLY B 30 28.40 -19.70 2.50
C GLY B 30 28.50 -21.12 1.96
N ALA B 31 27.59 -22.01 2.36
CA ALA B 31 27.48 -23.34 1.76
C ALA B 31 26.49 -23.27 0.62
N THR B 32 25.81 -22.12 0.52
CA THR B 32 24.90 -21.80 -0.59
C THR B 32 25.67 -21.42 -1.84
N THR B 33 26.99 -21.40 -1.72
CA THR B 33 27.84 -21.23 -2.88
C THR B 33 28.82 -22.39 -2.95
N TYR B 34 28.51 -23.48 -2.25
CA TYR B 34 29.37 -24.67 -2.23
C TYR B 34 29.64 -25.17 -3.65
N GLU B 35 29.53 -24.25 -4.62
CA GLU B 35 29.95 -24.43 -6.00
C GLU B 35 29.77 -23.14 -6.83
N LEU B 36 30.86 -22.40 -7.01
CA LEU B 36 30.87 -21.17 -7.81
C LEU B 36 32.33 -20.89 -8.14
N ASP B 37 32.59 -20.03 -9.13
CA ASP B 37 33.98 -19.75 -9.51
C ASP B 37 34.75 -19.19 -8.32
N PRO B 38 35.52 -20.06 -7.66
CA PRO B 38 36.18 -19.67 -6.41
C PRO B 38 37.15 -18.51 -6.66
N LEU B 39 37.58 -18.38 -7.92
CA LEU B 39 38.47 -17.30 -8.33
C LEU B 39 37.81 -15.95 -8.18
N PHE B 40 36.55 -15.89 -8.63
CA PHE B 40 35.74 -14.68 -8.57
C PHE B 40 35.36 -14.24 -7.15
N LEU B 41 34.90 -15.18 -6.32
CA LEU B 41 34.65 -14.89 -4.91
C LEU B 41 35.95 -14.47 -4.21
N GLU B 42 37.02 -15.26 -4.40
CA GLU B 42 38.32 -14.87 -3.86
C GLU B 42 38.58 -13.39 -4.17
N THR B 43 38.34 -13.01 -5.43
CA THR B 43 38.59 -11.63 -5.86
C THR B 43 37.71 -10.62 -5.14
N ILE B 44 36.43 -10.95 -5.02
CA ILE B 44 35.46 -10.05 -4.40
C ILE B 44 35.71 -9.82 -2.91
N HIS B 45 36.15 -10.86 -2.21
CA HIS B 45 36.44 -10.76 -0.80
C HIS B 45 37.69 -9.97 -0.60
N LEU B 46 38.77 -10.41 -1.22
CA LEU B 46 40.05 -9.71 -1.16
C LEU B 46 39.82 -8.21 -1.36
N LEU B 47 39.06 -7.87 -2.41
CA LEU B 47 38.67 -6.48 -2.68
C LEU B 47 37.99 -5.87 -1.46
N ASP B 48 36.78 -6.33 -1.18
CA ASP B 48 36.02 -5.80 -0.05
C ASP B 48 36.91 -5.44 1.15
N TYR B 49 37.66 -6.41 1.63
CA TYR B 49 38.64 -6.09 2.66
C TYR B 49 39.57 -4.92 2.25
N GLY B 50 40.07 -4.94 1.02
CA GLY B 50 40.84 -3.82 0.51
C GLY B 50 40.13 -2.47 0.71
N ILE B 51 38.85 -2.43 0.35
CA ILE B 51 37.99 -1.27 0.54
C ILE B 51 38.01 -0.79 1.99
N THR B 52 37.68 -1.67 2.95
CA THR B 52 37.73 -1.24 4.35
C THR B 52 39.14 -0.78 4.81
N ILE B 53 40.18 -1.32 4.16
CA ILE B 53 41.53 -0.77 4.38
C ILE B 53 41.53 0.69 3.95
N PHE B 54 40.96 0.94 2.77
CA PHE B 54 40.91 2.28 2.18
C PHE B 54 40.13 3.29 3.06
N PHE B 55 39.06 2.82 3.71
CA PHE B 55 38.36 3.64 4.71
C PHE B 55 39.21 3.92 5.95
N VAL B 56 39.77 2.89 6.57
CA VAL B 56 40.65 3.12 7.72
C VAL B 56 41.64 4.25 7.40
N ILE B 57 42.27 4.17 6.22
CA ILE B 57 43.13 5.27 5.77
C ILE B 57 42.42 6.62 5.77
N GLU B 58 41.35 6.73 4.98
CA GLU B 58 40.63 8.01 4.87
C GLU B 58 40.34 8.67 6.24
N ILE B 59 39.90 7.86 7.20
CA ILE B 59 39.55 8.39 8.53
C ILE B 59 40.76 8.73 9.42
N LEU B 60 41.83 7.93 9.37
CA LEU B 60 43.02 8.32 10.12
C LEU B 60 43.48 9.67 9.58
N ILE B 61 43.24 9.90 8.30
CA ILE B 61 43.48 11.22 7.72
C ILE B 61 42.58 12.34 8.31
N ARG B 62 41.26 12.21 8.14
CA ARG B 62 40.34 13.22 8.72
C ARG B 62 40.64 13.45 10.21
N PHE B 63 41.32 12.51 10.84
CA PHE B 63 41.65 12.62 12.25
C PHE B 63 42.93 13.42 12.52
N ILE B 64 43.99 13.08 11.81
CA ILE B 64 45.21 13.88 11.89
C ILE B 64 44.87 15.32 11.53
N GLY B 65 43.74 15.50 10.86
CA GLY B 65 43.27 16.81 10.43
C GLY B 65 42.64 17.77 11.43
N GLU B 66 41.60 17.35 12.18
CA GLU B 66 41.03 18.24 13.20
C GLU B 66 42.19 18.87 13.98
N LYS B 67 42.30 20.20 13.94
CA LYS B 67 43.44 20.87 14.55
C LYS B 67 43.42 20.62 16.04
N GLN B 68 42.20 20.62 16.59
CA GLN B 68 41.97 20.13 17.93
C GLN B 68 41.28 18.78 17.84
N LYS B 69 42.04 17.72 18.07
CA LYS B 69 41.54 16.37 17.92
C LYS B 69 40.40 16.08 18.90
N ALA B 70 39.27 16.76 18.64
CA ALA B 70 38.01 16.60 19.38
C ALA B 70 37.09 17.80 19.13
N SER B 75 29.29 14.04 12.91
CA SER B 75 30.31 13.61 13.87
C SER B 75 29.80 12.63 14.95
N GLY B 76 28.48 12.43 15.03
CA GLY B 76 27.96 11.27 15.73
C GLY B 76 28.47 10.14 14.88
N TRP B 77 28.65 10.49 13.60
CA TRP B 77 29.31 9.68 12.58
C TRP B 77 30.70 9.31 13.01
N ASN B 78 31.69 10.17 12.77
CA ASN B 78 33.02 9.93 13.31
C ASN B 78 33.02 8.68 14.19
N ILE B 79 32.19 8.67 15.24
CA ILE B 79 32.02 7.48 16.09
C ILE B 79 31.39 6.32 15.32
N PHE B 80 30.22 6.56 14.76
CA PHE B 80 29.56 5.55 13.96
C PHE B 80 30.57 4.99 12.99
N ASP B 81 31.09 5.85 12.11
CA ASP B 81 32.06 5.49 11.08
C ASP B 81 33.30 4.70 11.52
N THR B 82 34.05 5.22 12.49
CA THR B 82 35.26 4.53 12.93
C THR B 82 34.97 3.26 13.73
N VAL B 83 33.77 3.14 14.28
CA VAL B 83 33.41 1.91 14.97
C VAL B 83 32.95 0.87 13.96
N ILE B 84 32.12 1.28 13.00
CA ILE B 84 31.69 0.45 11.88
C ILE B 84 32.92 -0.09 11.14
N VAL B 85 33.92 0.76 10.93
CA VAL B 85 35.12 0.37 10.19
C VAL B 85 36.12 -0.43 11.05
N ALA B 86 36.44 0.05 12.23
CA ALA B 86 37.30 -0.73 13.12
C ALA B 86 36.75 -2.15 13.25
N ILE B 87 35.43 -2.25 13.46
CA ILE B 87 34.77 -3.53 13.61
C ILE B 87 34.72 -4.34 12.31
N SER B 88 34.62 -3.65 11.18
CA SER B 88 34.56 -4.32 9.89
C SER B 88 35.95 -4.71 9.40
N LEU B 89 36.95 -4.12 10.04
CA LEU B 89 38.35 -4.29 9.65
C LEU B 89 38.86 -5.65 10.10
N ILE B 90 39.72 -5.63 11.11
CA ILE B 90 40.43 -6.81 11.59
C ILE B 90 39.57 -8.09 11.77
N PRO B 91 38.36 -7.99 12.37
CA PRO B 91 37.68 -9.24 12.72
C PRO B 91 37.53 -10.27 11.61
N ILE B 92 36.98 -9.87 10.46
CA ILE B 92 36.93 -10.73 9.27
C ILE B 92 36.44 -12.18 9.54
N PRO B 93 35.16 -12.48 9.23
CA PRO B 93 34.58 -13.83 9.37
C PRO B 93 34.34 -14.54 8.04
N ASN B 94 34.01 -15.84 8.05
CA ASN B 94 33.46 -16.49 6.86
C ASN B 94 32.87 -17.90 7.03
N ASN B 95 31.68 -18.11 6.46
CA ASN B 95 30.89 -19.34 6.66
C ASN B 95 30.96 -19.76 8.11
N SER B 96 31.37 -18.79 8.93
CA SER B 96 31.75 -19.02 10.32
C SER B 96 30.63 -19.60 11.15
N SER B 97 30.93 -20.72 11.80
CA SER B 97 30.03 -21.28 12.76
C SER B 97 29.88 -20.25 13.86
N PHE B 98 29.01 -20.60 14.80
CA PHE B 98 28.51 -19.67 15.79
C PHE B 98 29.63 -18.92 16.55
N LEU B 99 29.36 -17.67 16.91
CA LEU B 99 28.06 -17.06 16.65
C LEU B 99 28.17 -15.55 16.72
N VAL B 100 29.33 -15.07 17.11
CA VAL B 100 29.53 -13.65 17.27
C VAL B 100 29.92 -12.99 15.96
N LEU B 101 30.56 -13.74 15.07
CA LEU B 101 31.00 -13.23 13.77
C LEU B 101 29.83 -13.17 12.79
N ARG B 102 28.99 -14.19 12.91
CA ARG B 102 27.72 -14.22 12.21
C ARG B 102 27.13 -12.83 12.26
N LEU B 103 27.24 -12.19 13.43
CA LEU B 103 26.69 -10.83 13.63
C LEU B 103 27.56 -9.69 13.08
N LEU B 104 28.89 -9.82 13.18
CA LEU B 104 29.81 -8.87 12.56
C LEU B 104 29.51 -8.63 11.08
N ARG B 105 29.10 -9.70 10.38
CA ARG B 105 28.68 -9.56 8.98
C ARG B 105 27.77 -8.32 8.82
N ILE B 106 26.99 -8.05 9.88
CA ILE B 106 26.05 -6.91 9.90
C ILE B 106 26.71 -5.52 9.89
N PHE B 107 27.80 -5.35 10.64
CA PHE B 107 28.54 -4.08 10.60
C PHE B 107 29.34 -3.95 9.31
N ARG B 108 29.91 -5.07 8.87
CA ARG B 108 30.51 -5.11 7.55
C ARG B 108 29.56 -4.51 6.52
N VAL B 109 28.29 -4.94 6.48
CA VAL B 109 27.34 -4.34 5.52
C VAL B 109 26.87 -2.91 5.88
N LEU B 110 26.94 -2.56 7.15
CA LEU B 110 26.61 -1.19 7.55
C LEU B 110 27.61 -0.18 6.98
N ARG B 111 28.80 -0.63 6.60
CA ARG B 111 29.76 0.28 5.94
C ARG B 111 29.16 1.12 4.79
N LEU B 112 28.03 0.68 4.22
CA LEU B 112 27.46 1.34 3.02
C LEU B 112 27.18 2.81 3.26
N ILE B 113 26.74 3.12 4.49
CA ILE B 113 26.44 4.48 4.93
C ILE B 113 27.70 5.35 4.94
N SER B 114 28.82 4.75 5.32
CA SER B 114 30.12 5.41 5.28
C SER B 114 30.48 5.75 3.83
N VAL B 115 29.94 5.00 2.87
CA VAL B 115 30.34 5.13 1.47
C VAL B 115 29.43 6.04 0.65
N ILE B 116 28.42 6.64 1.30
CA ILE B 116 27.43 7.44 0.57
C ILE B 116 26.72 8.47 1.46
N PRO B 117 27.19 9.72 1.41
CA PRO B 117 26.66 10.88 2.16
C PRO B 117 25.13 10.95 2.26
N GLU B 118 24.46 10.81 1.13
CA GLU B 118 23.00 10.97 1.10
C GLU B 118 22.35 9.90 1.97
N LEU B 119 23.06 8.81 2.25
CA LEU B 119 22.53 7.82 3.18
C LEU B 119 22.42 8.43 4.57
N LYS B 120 23.48 9.12 5.01
CA LYS B 120 23.41 9.71 6.33
C LYS B 120 22.29 10.74 6.33
N GLN B 121 22.23 11.57 5.29
CA GLN B 121 21.18 12.61 5.23
C GLN B 121 19.73 12.07 5.29
N ILE B 122 19.47 11.03 4.51
CA ILE B 122 18.21 10.29 4.54
C ILE B 122 17.90 9.74 5.94
N ILE B 123 18.93 9.20 6.60
CA ILE B 123 18.75 8.64 7.94
C ILE B 123 18.35 9.71 8.98
N GLU B 124 19.03 10.84 8.95
CA GLU B 124 18.64 11.98 9.78
C GLU B 124 17.18 12.39 9.50
N ALA B 125 16.79 12.28 8.22
CA ALA B 125 15.43 12.63 7.81
C ALA B 125 14.36 11.68 8.39
N ILE B 126 14.67 10.40 8.37
CA ILE B 126 13.84 9.38 8.98
C ILE B 126 13.68 9.56 10.51
N LEU B 127 14.82 9.60 11.22
CA LEU B 127 14.85 9.87 12.66
C LEU B 127 13.95 11.06 12.97
N GLU B 128 13.97 12.08 12.12
CA GLU B 128 12.98 13.15 12.28
C GLU B 128 11.53 12.64 12.16
N SER B 129 11.18 11.92 11.09
CA SER B 129 9.77 11.44 10.96
C SER B 129 9.25 10.57 12.15
N VAL B 130 10.18 10.12 12.99
CA VAL B 130 9.82 9.28 14.15
C VAL B 130 8.85 9.84 15.23
N ARG B 131 8.92 11.13 15.52
CA ARG B 131 7.95 11.69 16.48
C ARG B 131 6.50 11.41 16.03
N ARG B 132 6.10 12.01 14.90
CA ARG B 132 4.78 11.78 14.31
C ARG B 132 4.48 10.29 14.26
N VAL B 133 5.39 9.50 13.68
CA VAL B 133 5.05 8.09 13.51
C VAL B 133 4.76 7.43 14.86
N PHE B 134 5.41 7.91 15.90
CA PHE B 134 5.20 7.33 17.21
C PHE B 134 3.84 7.71 17.82
N PHE B 135 3.47 8.99 17.79
CA PHE B 135 2.15 9.34 18.31
C PHE B 135 0.99 8.69 17.56
N VAL B 136 1.05 8.70 16.23
CA VAL B 136 0.04 7.98 15.47
C VAL B 136 0.08 6.48 15.82
N SER B 137 1.27 5.97 16.16
CA SER B 137 1.38 4.58 16.61
C SER B 137 0.65 4.30 17.93
N LEU B 138 0.65 5.28 18.83
CA LEU B 138 -0.19 5.21 20.04
C LEU B 138 -1.68 5.17 19.72
N LEU B 139 -2.11 6.08 18.84
CA LEU B 139 -3.51 6.08 18.40
C LEU B 139 -3.95 4.74 17.75
N LEU B 140 -3.09 4.18 16.90
CA LEU B 140 -3.36 2.87 16.33
C LEU B 140 -3.44 1.83 17.42
N PHE B 141 -2.52 1.87 18.37
CA PHE B 141 -2.67 0.96 19.50
C PHE B 141 -4.07 1.02 20.15
N ILE B 142 -4.50 2.22 20.53
CA ILE B 142 -5.84 2.37 21.09
C ILE B 142 -6.90 1.67 20.23
N ILE B 143 -6.92 1.99 18.92
CA ILE B 143 -7.94 1.41 18.00
C ILE B 143 -7.90 -0.11 17.96
N LEU B 144 -6.69 -0.64 17.82
CA LEU B 144 -6.47 -2.07 17.84
C LEU B 144 -7.01 -2.69 19.13
N TYR B 145 -6.86 -1.99 20.24
CA TYR B 145 -7.20 -2.53 21.54
C TYR B 145 -8.71 -2.56 21.71
N ILE B 146 -9.35 -1.52 21.18
CA ILE B 146 -10.82 -1.44 21.23
C ILE B 146 -11.46 -2.54 20.39
N TYR B 147 -10.95 -2.69 19.16
CA TYR B 147 -11.44 -3.74 18.27
C TYR B 147 -11.05 -5.16 18.69
N ALA B 148 -9.87 -5.29 19.26
CA ALA B 148 -9.40 -6.59 19.66
C ALA B 148 -10.08 -7.04 20.95
N THR B 149 -10.60 -6.09 21.71
CA THR B 149 -11.39 -6.44 22.86
C THR B 149 -12.83 -6.78 22.46
N MET B 150 -13.53 -5.85 21.78
CA MET B 150 -14.85 -6.19 21.26
C MET B 150 -14.72 -7.58 20.61
N GLY B 151 -13.61 -7.80 19.92
CA GLY B 151 -13.40 -8.99 19.13
C GLY B 151 -13.18 -10.25 19.94
N ALA B 152 -12.28 -10.18 20.90
CA ALA B 152 -12.00 -11.35 21.73
C ALA B 152 -13.24 -11.70 22.57
N ILE B 153 -14.15 -10.73 22.71
CA ILE B 153 -15.40 -10.98 23.43
C ILE B 153 -16.45 -11.61 22.53
N LEU B 154 -16.59 -11.07 21.33
CA LEU B 154 -17.61 -11.48 20.37
C LEU B 154 -17.25 -12.79 19.68
N PHE B 155 -16.00 -12.90 19.26
CA PHE B 155 -15.58 -13.98 18.38
C PHE B 155 -14.80 -15.04 19.14
N GLY B 156 -14.59 -14.79 20.43
CA GLY B 156 -13.69 -15.57 21.24
C GLY B 156 -13.93 -17.07 21.31
N ASN B 157 -15.18 -17.48 21.52
CA ASN B 157 -15.52 -18.91 21.64
C ASN B 157 -15.75 -19.57 20.30
N ASP B 158 -15.84 -18.75 19.26
CA ASP B 158 -16.10 -19.20 17.90
C ASP B 158 -14.81 -19.56 17.14
N ASP B 159 -13.78 -18.74 17.30
CA ASP B 159 -12.51 -19.00 16.64
C ASP B 159 -11.41 -18.53 17.58
N PRO B 160 -11.01 -19.40 18.52
CA PRO B 160 -9.91 -19.07 19.44
C PRO B 160 -8.55 -19.16 18.73
N SER B 161 -8.54 -19.62 17.49
CA SER B 161 -7.30 -19.62 16.71
C SER B 161 -6.80 -18.17 16.62
N ARG B 162 -7.74 -17.22 16.55
CA ARG B 162 -7.39 -15.84 16.22
C ARG B 162 -7.98 -14.80 17.19
N TRP B 163 -8.76 -15.26 18.16
CA TRP B 163 -9.45 -14.36 19.07
C TRP B 163 -9.50 -14.98 20.45
N GLY B 164 -8.63 -15.97 20.65
CA GLY B 164 -8.59 -16.75 21.87
C GLY B 164 -8.37 -15.87 23.09
N ASP B 165 -7.30 -15.07 23.07
CA ASP B 165 -7.06 -14.08 24.11
C ASP B 165 -6.88 -12.68 23.53
N LEU B 166 -6.34 -11.76 24.32
CA LEU B 166 -6.18 -10.37 23.88
C LEU B 166 -5.02 -10.28 22.86
N GLY B 167 -3.92 -10.94 23.20
CA GLY B 167 -2.73 -10.97 22.37
C GLY B 167 -2.95 -11.42 20.93
N ILE B 168 -3.53 -12.60 20.75
CA ILE B 168 -3.76 -13.05 19.37
C ILE B 168 -4.84 -12.24 18.67
N SER B 169 -5.70 -11.59 19.46
CA SER B 169 -6.71 -10.69 18.90
C SER B 169 -6.05 -9.47 18.26
N LEU B 170 -4.99 -9.00 18.92
CA LEU B 170 -4.24 -7.89 18.37
C LEU B 170 -3.39 -8.31 17.19
N ILE B 171 -2.70 -9.44 17.28
CA ILE B 171 -1.94 -9.90 16.13
C ILE B 171 -2.86 -10.06 14.92
N THR B 172 -4.04 -10.61 15.17
CA THR B 172 -5.00 -10.82 14.11
C THR B 172 -5.39 -9.51 13.47
N LEU B 173 -5.73 -8.52 14.29
CA LEU B 173 -6.07 -7.21 13.74
C LEU B 173 -4.89 -6.47 13.10
N PHE B 174 -3.66 -6.76 13.48
CA PHE B 174 -2.53 -6.16 12.79
C PHE B 174 -2.45 -6.79 11.40
N GLN B 175 -2.66 -8.10 11.36
CA GLN B 175 -2.76 -8.79 10.08
C GLN B 175 -3.88 -8.17 9.21
N VAL B 176 -4.99 -7.79 9.82
CA VAL B 176 -6.11 -7.16 9.13
C VAL B 176 -5.83 -5.70 8.70
N LEU B 177 -4.98 -5.02 9.47
CA LEU B 177 -4.66 -3.60 9.27
C LEU B 177 -3.87 -3.43 8.00
N THR B 178 -2.98 -4.38 7.75
CA THR B 178 -2.15 -4.41 6.55
C THR B 178 -2.87 -5.06 5.38
N LEU B 179 -4.13 -5.44 5.59
CA LEU B 179 -4.98 -6.03 4.54
C LEU B 179 -4.50 -7.42 4.03
N SER B 180 -3.67 -8.10 4.80
CA SER B 180 -3.10 -9.35 4.35
C SER B 180 -4.07 -10.53 4.48
N SER B 181 -4.64 -10.99 3.36
CA SER B 181 -5.52 -12.16 3.32
C SER B 181 -6.61 -12.04 4.38
N TRP B 182 -7.11 -10.82 4.59
CA TRP B 182 -8.01 -10.54 5.71
C TRP B 182 -9.41 -11.13 5.50
N GLU B 183 -9.68 -11.50 4.25
CA GLU B 183 -10.94 -12.15 3.92
C GLU B 183 -11.03 -13.46 4.68
N THR B 184 -9.89 -14.08 4.99
CA THR B 184 -9.87 -15.34 5.74
C THR B 184 -10.07 -15.14 7.24
N VAL B 185 -9.92 -13.91 7.71
CA VAL B 185 -10.11 -13.66 9.12
C VAL B 185 -11.58 -13.39 9.34
N MET B 186 -12.15 -12.54 8.50
CA MET B 186 -13.56 -12.15 8.62
C MET B 186 -14.60 -13.16 8.11
N LEU B 187 -14.37 -13.65 6.91
CA LEU B 187 -15.37 -14.38 6.14
C LEU B 187 -16.04 -15.54 6.87
N PRO B 188 -15.30 -16.23 7.77
CA PRO B 188 -15.90 -17.20 8.70
C PRO B 188 -16.86 -16.57 9.71
N MET B 189 -16.60 -15.33 10.15
CA MET B 189 -17.49 -14.66 11.11
C MET B 189 -18.78 -14.23 10.46
N GLN B 190 -18.71 -14.02 9.15
CA GLN B 190 -19.87 -13.62 8.40
C GLN B 190 -20.92 -14.74 8.34
N GLU B 191 -20.47 -15.99 8.30
CA GLU B 191 -21.38 -17.14 8.28
C GLU B 191 -21.87 -17.50 9.68
N ILE B 192 -21.80 -16.52 10.57
CA ILE B 192 -22.42 -16.60 11.89
C ILE B 192 -23.05 -15.27 12.19
N TYR B 193 -22.26 -14.37 12.74
CA TYR B 193 -22.72 -13.02 12.99
C TYR B 193 -22.76 -12.28 11.66
N TRP B 194 -23.95 -11.84 11.24
CA TRP B 194 -24.18 -11.10 10.00
C TRP B 194 -23.61 -9.69 10.07
N TRP B 195 -23.35 -9.23 11.28
CA TRP B 195 -22.80 -7.90 11.47
C TRP B 195 -21.28 -7.89 11.30
N SER B 196 -20.71 -9.09 11.19
CA SER B 196 -19.28 -9.28 11.06
C SER B 196 -18.65 -8.24 10.13
N TRP B 197 -19.33 -7.99 9.01
CA TRP B 197 -18.84 -7.00 8.06
C TRP B 197 -18.71 -5.60 8.68
N VAL B 198 -19.74 -5.12 9.36
CA VAL B 198 -19.67 -3.80 9.97
C VAL B 198 -18.41 -3.67 10.83
N TYR B 199 -18.13 -4.68 11.64
CA TYR B 199 -16.97 -4.68 12.52
C TYR B 199 -15.66 -4.54 11.74
N PHE B 200 -15.49 -5.39 10.74
CA PHE B 200 -14.22 -5.43 10.03
C PHE B 200 -13.99 -4.25 9.12
N PHE B 201 -14.96 -3.97 8.26
CA PHE B 201 -14.97 -2.73 7.46
C PHE B 201 -14.76 -1.44 8.29
N SER B 202 -15.50 -1.27 9.39
CA SER B 202 -15.30 -0.06 10.19
C SER B 202 -13.85 0.01 10.69
N PHE B 203 -13.34 -1.10 11.22
CA PHE B 203 -11.96 -1.05 11.67
C PHE B 203 -10.95 -0.77 10.54
N ILE B 204 -11.24 -1.25 9.34
CA ILE B 204 -10.30 -1.01 8.24
C ILE B 204 -10.35 0.45 7.79
N ILE B 205 -11.57 0.98 7.67
CA ILE B 205 -11.74 2.36 7.23
C ILE B 205 -11.07 3.30 8.22
N ILE B 206 -11.27 3.05 9.52
CA ILE B 206 -10.72 3.91 10.56
C ILE B 206 -9.19 3.86 10.57
N CYS B 207 -8.63 2.66 10.59
CA CYS B 207 -7.19 2.58 10.50
C CYS B 207 -6.63 3.25 9.24
N SER B 208 -7.32 3.05 8.12
CA SER B 208 -6.95 3.70 6.87
C SER B 208 -6.89 5.22 7.03
N ILE B 209 -7.96 5.81 7.55
CA ILE B 209 -8.04 7.26 7.74
C ILE B 209 -6.91 7.79 8.62
N THR B 210 -6.60 7.04 9.67
CA THR B 210 -5.54 7.52 10.55
C THR B 210 -4.17 7.43 9.89
N ILE B 211 -3.82 6.26 9.34
CA ILE B 211 -2.55 6.15 8.60
C ILE B 211 -2.43 7.26 7.54
N LEU B 212 -3.55 7.56 6.88
CA LEU B 212 -3.59 8.58 5.85
C LEU B 212 -3.24 9.92 6.43
N ASN B 213 -3.93 10.28 7.50
CA ASN B 213 -3.66 11.56 8.10
C ASN B 213 -2.21 11.67 8.58
N LEU B 214 -1.60 10.52 8.88
CA LEU B 214 -0.21 10.49 9.32
C LEU B 214 0.67 10.90 8.15
N VAL B 215 0.40 10.30 7.00
CA VAL B 215 1.22 10.55 5.82
C VAL B 215 1.14 12.03 5.47
N ILE B 216 -0.07 12.53 5.35
CA ILE B 216 -0.29 13.96 5.15
C ILE B 216 0.47 14.83 6.18
N ALA B 217 0.34 14.47 7.46
CA ALA B 217 1.05 15.18 8.54
C ALA B 217 2.50 15.38 8.16
N ILE B 218 3.23 14.27 8.03
CA ILE B 218 4.66 14.28 7.68
C ILE B 218 4.99 15.05 6.38
N LEU B 219 4.16 14.83 5.36
CA LEU B 219 4.29 15.53 4.08
C LEU B 219 4.31 17.06 4.29
N VAL B 220 3.29 17.60 4.95
CA VAL B 220 3.25 19.03 5.27
C VAL B 220 4.37 19.47 6.21
N ASP B 221 4.85 18.59 7.07
CA ASP B 221 5.96 19.00 7.94
C ASP B 221 7.21 19.27 7.09
N VAL B 222 7.50 18.36 6.15
CA VAL B 222 8.63 18.54 5.24
C VAL B 222 8.43 19.73 4.30
N VAL B 223 7.23 19.84 3.76
CA VAL B 223 6.82 20.94 2.88
C VAL B 223 6.93 22.33 3.53
N ILE B 224 6.50 22.47 4.78
CA ILE B 224 6.78 23.70 5.51
C ILE B 224 8.30 23.86 5.65
N GLN B 225 9.00 22.78 5.95
CA GLN B 225 10.44 22.85 6.14
C GLN B 225 11.24 23.23 4.89
N LYS B 226 10.55 23.54 3.79
CA LYS B 226 11.23 24.01 2.55
C LYS B 226 10.46 25.06 1.69
N LYS B 227 9.83 24.56 0.61
CA LYS B 227 9.12 25.35 -0.41
C LYS B 227 7.72 25.89 -0.09
N LEU B 228 7.05 26.31 -1.18
CA LEU B 228 5.84 27.16 -1.15
C LEU B 228 6.26 28.63 -0.94
N GLU B 229 6.79 28.92 0.26
CA GLU B 229 7.43 30.20 0.57
C GLU B 229 8.67 30.45 -0.30
N LYS C 9 2.06 16.20 -36.77
CA LYS C 9 2.24 14.89 -36.14
C LYS C 9 1.27 14.63 -34.98
N ASP C 10 1.10 15.62 -34.11
CA ASP C 10 0.33 15.43 -32.87
C ASP C 10 -1.13 15.09 -33.06
N ASN C 11 -2.02 15.92 -32.51
CA ASN C 11 -3.46 15.66 -32.53
C ASN C 11 -3.83 14.47 -31.62
N ARG C 12 -4.73 14.68 -30.68
CA ARG C 12 -5.05 13.68 -29.64
C ARG C 12 -5.78 12.41 -30.12
N ILE C 13 -6.82 12.61 -30.91
CA ILE C 13 -7.61 11.51 -31.47
C ILE C 13 -6.73 10.48 -32.15
N PHE C 14 -6.32 10.87 -33.35
CA PHE C 14 -5.31 10.18 -34.12
C PHE C 14 -4.39 9.36 -33.24
N GLN C 15 -3.64 10.04 -32.37
CA GLN C 15 -2.76 9.34 -31.47
C GLN C 15 -3.47 8.30 -30.60
N PHE C 16 -4.74 8.52 -30.25
CA PHE C 16 -5.45 7.50 -29.48
C PHE C 16 -5.83 6.27 -30.29
N THR C 17 -6.32 6.46 -31.51
CA THR C 17 -6.61 5.31 -32.35
C THR C 17 -5.32 4.66 -32.88
N VAL C 18 -4.22 5.38 -32.73
CA VAL C 18 -2.89 4.86 -33.05
C VAL C 18 -2.34 3.99 -31.91
N VAL C 19 -2.53 4.45 -30.67
CA VAL C 19 -2.29 3.62 -29.49
C VAL C 19 -3.15 2.37 -29.62
N SER C 20 -4.41 2.58 -30.01
CA SER C 20 -5.30 1.49 -30.27
C SER C 20 -4.70 0.49 -31.27
N ILE C 21 -4.33 0.94 -32.46
CA ILE C 21 -3.73 0.00 -33.42
C ILE C 21 -2.47 -0.71 -32.92
N ILE C 22 -1.48 0.06 -32.48
CA ILE C 22 -0.23 -0.51 -31.99
C ILE C 22 -0.51 -1.63 -31.01
N ILE C 23 -1.33 -1.31 -30.02
CA ILE C 23 -1.69 -2.25 -28.96
C ILE C 23 -2.38 -3.50 -29.52
N LEU C 24 -3.44 -3.30 -30.29
CA LEU C 24 -4.18 -4.43 -30.81
C LEU C 24 -3.28 -5.33 -31.65
N ASN C 25 -2.27 -4.78 -32.30
CA ASN C 25 -1.35 -5.59 -33.08
C ASN C 25 -0.26 -6.20 -32.20
N ALA C 26 -0.16 -5.68 -30.98
CA ALA C 26 0.79 -6.25 -30.04
C ALA C 26 0.15 -7.39 -29.26
N VAL C 27 -1.17 -7.45 -29.27
CA VAL C 27 -1.85 -8.37 -28.39
C VAL C 27 -2.63 -9.47 -29.12
N LEU C 28 -2.83 -9.30 -30.43
CA LEU C 28 -3.36 -10.35 -31.33
C LEU C 28 -2.59 -11.65 -31.19
N ILE C 29 -1.30 -11.57 -31.55
CA ILE C 29 -0.39 -12.70 -31.53
C ILE C 29 -0.75 -13.67 -30.44
N GLY C 30 -1.09 -14.91 -30.81
CA GLY C 30 -1.23 -15.34 -32.18
C GLY C 30 -2.07 -16.59 -32.08
N ALA C 31 -2.04 -17.22 -30.91
CA ALA C 31 -2.82 -18.42 -30.60
C ALA C 31 -4.30 -18.11 -30.52
N THR C 32 -4.62 -16.89 -30.07
CA THR C 32 -5.99 -16.37 -30.05
C THR C 32 -6.39 -15.81 -31.43
N THR C 33 -6.10 -16.57 -32.49
CA THR C 33 -6.46 -16.16 -33.85
C THR C 33 -6.93 -17.35 -34.71
N TYR C 34 -7.06 -18.52 -34.10
CA TYR C 34 -7.39 -19.76 -34.82
C TYR C 34 -8.60 -19.55 -35.74
N GLU C 35 -9.26 -18.40 -35.59
CA GLU C 35 -10.33 -17.96 -36.49
C GLU C 35 -10.73 -16.53 -36.15
N LEU C 36 -10.84 -15.70 -37.19
CA LEU C 36 -11.39 -14.34 -37.10
C LEU C 36 -11.27 -13.55 -38.40
N ASP C 37 -12.13 -12.55 -38.55
CA ASP C 37 -12.29 -11.78 -39.79
C ASP C 37 -10.96 -11.33 -40.39
N PRO C 38 -10.35 -12.18 -41.24
CA PRO C 38 -8.95 -11.96 -41.67
C PRO C 38 -8.69 -10.67 -42.46
N LEU C 39 -9.73 -10.04 -43.02
CA LEU C 39 -9.55 -8.73 -43.65
C LEU C 39 -9.32 -7.67 -42.57
N PHE C 40 -9.92 -7.92 -41.41
CA PHE C 40 -9.70 -7.11 -40.22
C PHE C 40 -8.21 -7.17 -39.85
N LEU C 41 -7.66 -8.38 -39.79
CA LEU C 41 -6.24 -8.54 -39.50
C LEU C 41 -5.36 -7.88 -40.55
N GLU C 42 -5.58 -8.21 -41.84
CA GLU C 42 -4.86 -7.54 -42.91
C GLU C 42 -4.80 -6.04 -42.53
N THR C 43 -5.96 -5.43 -42.29
CA THR C 43 -5.99 -3.99 -42.06
C THR C 43 -5.22 -3.52 -40.82
N ILE C 44 -5.38 -4.22 -39.69
CA ILE C 44 -4.61 -3.90 -38.50
C ILE C 44 -3.09 -3.95 -38.72
N HIS C 45 -2.62 -4.91 -39.51
CA HIS C 45 -1.19 -5.05 -39.75
C HIS C 45 -0.73 -4.00 -40.72
N LEU C 46 -1.51 -3.79 -41.77
CA LEU C 46 -1.23 -2.77 -42.75
C LEU C 46 -1.01 -1.51 -41.97
N LEU C 47 -2.07 -1.07 -41.29
CA LEU C 47 -2.03 0.14 -40.48
C LEU C 47 -0.81 0.18 -39.57
N ASP C 48 -0.66 -0.85 -38.74
CA ASP C 48 0.53 -1.02 -37.92
C ASP C 48 1.80 -0.58 -38.67
N TYR C 49 1.91 -1.08 -39.90
CA TYR C 49 3.04 -0.75 -40.77
C TYR C 49 3.03 0.75 -41.11
N GLY C 50 1.90 1.23 -41.60
CA GLY C 50 1.75 2.64 -41.93
C GLY C 50 2.27 3.53 -40.82
N ILE C 51 2.13 3.04 -39.59
CA ILE C 51 2.66 3.75 -38.44
C ILE C 51 4.21 3.66 -38.33
N THR C 52 4.75 2.44 -38.39
CA THR C 52 6.21 2.34 -38.24
C THR C 52 6.81 3.31 -39.26
N ILE C 53 6.11 3.46 -40.37
CA ILE C 53 6.41 4.46 -41.39
C ILE C 53 6.29 5.91 -40.87
N PHE C 54 5.07 6.30 -40.45
CA PHE C 54 4.84 7.62 -39.87
C PHE C 54 6.09 8.11 -39.14
N PHE C 55 6.58 7.42 -38.10
CA PHE C 55 7.72 8.06 -37.41
C PHE C 55 9.09 7.73 -38.04
N VAL C 56 9.14 6.64 -38.79
CA VAL C 56 10.35 6.35 -39.54
C VAL C 56 10.74 7.58 -40.36
N ILE C 57 9.74 8.38 -40.75
CA ILE C 57 10.00 9.64 -41.44
C ILE C 57 10.36 10.81 -40.51
N GLU C 58 9.34 11.32 -39.81
CA GLU C 58 9.51 12.43 -38.88
C GLU C 58 10.92 12.38 -38.34
N ILE C 59 11.43 11.17 -38.11
CA ILE C 59 12.82 11.01 -37.73
C ILE C 59 13.79 11.75 -38.69
N LEU C 60 13.60 11.53 -39.99
CA LEU C 60 14.43 12.14 -41.04
C LEU C 60 15.03 13.49 -40.67
N ILE C 61 14.22 14.31 -40.01
CA ILE C 61 14.51 15.71 -39.86
C ILE C 61 14.09 16.18 -38.49
N GLY C 76 19.77 11.96 -28.09
CA GLY C 76 19.50 11.08 -26.95
C GLY C 76 18.21 10.26 -27.05
N TRP C 77 17.10 10.92 -27.32
CA TRP C 77 15.83 10.22 -27.54
C TRP C 77 15.60 9.97 -29.02
N ASN C 78 16.50 10.51 -29.85
CA ASN C 78 16.48 10.19 -31.27
C ASN C 78 17.24 8.89 -31.57
N ILE C 79 18.25 8.61 -30.76
CA ILE C 79 18.90 7.31 -30.77
C ILE C 79 17.89 6.20 -30.53
N PHE C 80 17.15 6.35 -29.43
CA PHE C 80 16.06 5.45 -29.09
C PHE C 80 14.99 5.41 -30.20
N ASP C 81 14.44 6.57 -30.53
CA ASP C 81 13.45 6.65 -31.60
C ASP C 81 13.82 5.83 -32.84
N THR C 82 15.05 5.96 -33.31
CA THR C 82 15.41 5.26 -34.55
C THR C 82 15.83 3.79 -34.35
N VAL C 83 16.48 3.44 -33.24
CA VAL C 83 16.75 2.02 -32.96
C VAL C 83 15.42 1.26 -32.97
N ILE C 84 14.47 1.78 -32.18
CA ILE C 84 13.11 1.26 -32.18
C ILE C 84 12.54 1.20 -33.60
N VAL C 85 12.16 2.35 -34.16
CA VAL C 85 11.51 2.39 -35.48
C VAL C 85 12.17 1.42 -36.50
N ALA C 86 13.49 1.29 -36.39
CA ALA C 86 14.28 0.42 -37.26
C ALA C 86 13.97 -1.04 -37.04
N ILE C 87 14.03 -1.48 -35.79
CA ILE C 87 13.62 -2.85 -35.50
C ILE C 87 12.13 -3.10 -35.79
N SER C 88 11.27 -2.13 -35.48
CA SER C 88 9.85 -2.25 -35.81
C SER C 88 9.62 -2.33 -37.30
N LEU C 89 10.63 -1.93 -38.07
CA LEU C 89 10.55 -1.99 -39.54
C LEU C 89 10.57 -3.42 -40.11
N ILE C 90 11.38 -4.28 -39.50
CA ILE C 90 11.46 -5.67 -39.90
C ILE C 90 10.11 -6.38 -39.76
N PRO C 91 9.62 -7.01 -40.84
CA PRO C 91 8.29 -7.61 -40.91
C PRO C 91 7.97 -8.56 -39.75
N SER C 97 12.13 -17.08 -36.49
CA SER C 97 12.82 -17.43 -35.24
C SER C 97 11.91 -17.21 -34.05
N PHE C 98 12.19 -17.94 -32.97
CA PHE C 98 11.32 -17.95 -31.80
C PHE C 98 11.52 -16.75 -30.89
N LEU C 99 12.78 -16.36 -30.65
CA LEU C 99 13.10 -15.24 -29.78
C LEU C 99 13.13 -13.94 -30.53
N VAL C 100 13.75 -13.94 -31.70
CA VAL C 100 13.81 -12.76 -32.54
C VAL C 100 12.38 -12.24 -32.78
N LEU C 101 11.44 -13.19 -32.88
CA LEU C 101 10.03 -12.88 -33.03
C LEU C 101 9.55 -12.06 -31.83
N ARG C 102 9.69 -12.64 -30.64
CA ARG C 102 9.23 -11.98 -29.44
C ARG C 102 9.92 -10.61 -29.21
N LEU C 103 11.21 -10.50 -29.49
CA LEU C 103 11.86 -9.18 -29.47
C LEU C 103 11.11 -8.21 -30.37
N LEU C 104 11.02 -8.53 -31.66
CA LEU C 104 10.28 -7.69 -32.59
C LEU C 104 8.92 -7.25 -32.02
N ARG C 105 8.22 -8.16 -31.34
CA ARG C 105 6.95 -7.84 -30.70
C ARG C 105 7.15 -6.72 -29.68
N ILE C 106 8.21 -6.88 -28.87
CA ILE C 106 8.62 -5.91 -27.86
C ILE C 106 8.97 -4.48 -28.38
N PHE C 107 9.78 -4.39 -29.46
CA PHE C 107 10.11 -3.07 -30.04
C PHE C 107 8.92 -2.43 -30.79
N ARG C 108 8.21 -3.25 -31.58
CA ARG C 108 6.94 -2.81 -32.18
C ARG C 108 6.02 -2.17 -31.14
N VAL C 109 6.03 -2.69 -29.90
CA VAL C 109 5.19 -2.06 -28.87
C VAL C 109 5.87 -0.84 -28.23
N LEU C 110 7.19 -0.82 -28.20
CA LEU C 110 7.93 0.36 -27.76
C LEU C 110 7.67 1.61 -28.62
N ARG C 111 7.41 1.47 -29.91
CA ARG C 111 7.22 2.69 -30.71
C ARG C 111 6.02 3.57 -30.24
N LEU C 112 5.16 2.98 -29.41
CA LEU C 112 4.15 3.73 -28.63
C LEU C 112 4.69 5.00 -27.92
N ILE C 113 5.96 4.98 -27.51
CA ILE C 113 6.56 6.09 -26.77
C ILE C 113 6.89 7.26 -27.66
N SER C 114 7.50 6.94 -28.80
CA SER C 114 7.74 7.92 -29.84
C SER C 114 6.41 8.61 -30.08
N VAL C 115 5.39 7.80 -30.35
CA VAL C 115 4.04 8.36 -30.60
C VAL C 115 3.48 9.40 -29.61
N ILE C 116 3.14 8.96 -28.40
CA ILE C 116 2.57 9.85 -27.40
C ILE C 116 3.68 10.50 -26.58
N PRO C 117 3.91 11.80 -26.80
CA PRO C 117 5.11 12.47 -26.32
C PRO C 117 5.07 12.90 -24.85
N GLU C 118 3.96 12.67 -24.15
CA GLU C 118 3.95 12.88 -22.69
C GLU C 118 4.67 11.73 -21.99
N LEU C 119 4.50 10.53 -22.55
CA LEU C 119 5.20 9.32 -22.11
C LEU C 119 6.72 9.55 -22.00
N LYS C 120 7.25 10.42 -22.87
CA LYS C 120 8.66 10.77 -22.85
C LYS C 120 9.02 11.57 -21.58
N GLN C 121 8.27 12.63 -21.34
CA GLN C 121 8.49 13.48 -20.15
C GLN C 121 8.40 12.63 -18.91
N ILE C 122 7.46 11.70 -18.94
CA ILE C 122 7.24 10.78 -17.84
C ILE C 122 8.45 9.88 -17.62
N ILE C 123 8.98 9.33 -18.71
CA ILE C 123 10.11 8.43 -18.55
C ILE C 123 11.29 9.18 -17.93
N GLU C 124 11.53 10.40 -18.42
CA GLU C 124 12.56 11.25 -17.83
C GLU C 124 12.32 11.51 -16.32
N ALA C 125 11.05 11.73 -15.95
CA ALA C 125 10.68 11.82 -14.52
C ALA C 125 11.11 10.60 -13.69
N ILE C 126 10.72 9.41 -14.14
CA ILE C 126 11.17 8.17 -13.51
C ILE C 126 12.69 8.21 -13.32
N LEU C 127 13.41 8.44 -14.43
CA LEU C 127 14.87 8.42 -14.41
C LEU C 127 15.47 9.35 -13.34
N GLU C 128 14.90 10.54 -13.16
CA GLU C 128 15.32 11.39 -12.02
C GLU C 128 14.90 10.84 -10.65
N SER C 129 13.84 10.04 -10.60
CA SER C 129 13.48 9.31 -9.37
C SER C 129 14.53 8.25 -9.01
N VAL C 130 15.28 7.77 -10.01
CA VAL C 130 16.18 6.62 -9.86
C VAL C 130 17.34 6.76 -8.85
N ARG C 131 17.99 7.93 -8.81
CA ARG C 131 19.06 8.18 -7.85
C ARG C 131 18.54 8.01 -6.42
N ARG C 132 17.52 8.80 -6.09
CA ARG C 132 16.93 8.78 -4.75
C ARG C 132 16.50 7.37 -4.42
N VAL C 133 15.78 6.75 -5.38
CA VAL C 133 15.27 5.42 -5.16
C VAL C 133 16.40 4.46 -4.91
N PHE C 134 17.51 4.66 -5.61
CA PHE C 134 18.67 3.80 -5.41
C PHE C 134 19.24 3.93 -3.99
N PHE C 135 19.40 5.15 -3.50
CA PHE C 135 19.78 5.32 -2.10
C PHE C 135 18.81 4.61 -1.14
N VAL C 136 17.60 5.15 -1.06
CA VAL C 136 16.68 4.64 -0.09
C VAL C 136 16.71 3.12 -0.19
N SER C 137 16.84 2.62 -1.42
CA SER C 137 16.86 1.17 -1.62
C SER C 137 18.03 0.52 -0.91
N LEU C 138 19.20 1.14 -0.97
CA LEU C 138 20.35 0.66 -0.20
C LEU C 138 19.97 0.54 1.28
N LEU C 139 19.34 1.58 1.82
CA LEU C 139 18.81 1.44 3.18
C LEU C 139 17.94 0.19 3.36
N LEU C 140 16.94 0.04 2.51
CA LEU C 140 16.10 -1.14 2.61
C LEU C 140 16.94 -2.41 2.64
N PHE C 141 18.00 -2.42 1.86
CA PHE C 141 18.86 -3.58 1.87
C PHE C 141 19.52 -3.81 3.23
N ILE C 142 20.02 -2.74 3.85
CA ILE C 142 20.56 -2.85 5.19
C ILE C 142 19.55 -3.48 6.15
N ILE C 143 18.34 -2.91 6.16
CA ILE C 143 17.28 -3.35 7.08
C ILE C 143 17.00 -4.82 6.88
N LEU C 144 16.79 -5.22 5.62
CA LEU C 144 16.51 -6.61 5.29
C LEU C 144 17.65 -7.55 5.64
N TYR C 145 18.89 -7.14 5.40
CA TYR C 145 20.02 -8.00 5.68
C TYR C 145 20.09 -8.26 7.17
N ILE C 146 19.92 -7.22 7.97
CA ILE C 146 19.85 -7.37 9.41
C ILE C 146 18.74 -8.37 9.84
N TYR C 147 17.53 -8.09 9.39
CA TYR C 147 16.43 -8.95 9.82
C TYR C 147 16.57 -10.36 9.30
N ALA C 148 17.28 -10.52 8.17
CA ALA C 148 17.46 -11.82 7.54
C ALA C 148 18.61 -12.64 8.14
N THR C 149 19.59 -11.95 8.71
CA THR C 149 20.64 -12.59 9.49
C THR C 149 20.05 -13.01 10.82
N MET C 150 19.63 -12.03 11.62
CA MET C 150 18.91 -12.30 12.86
C MET C 150 17.83 -13.36 12.63
N GLY C 151 17.24 -13.38 11.42
CA GLY C 151 16.16 -14.27 11.09
C GLY C 151 16.61 -15.68 10.74
N ALA C 152 17.57 -15.79 9.85
CA ALA C 152 18.12 -17.10 9.51
C ALA C 152 18.71 -17.78 10.74
N ILE C 153 19.40 -17.00 11.57
CA ILE C 153 19.90 -17.45 12.88
C ILE C 153 18.78 -17.81 13.86
N LEU C 154 17.68 -17.07 13.83
CA LEU C 154 16.61 -17.30 14.80
C LEU C 154 15.66 -18.41 14.35
N PHE C 155 15.23 -18.32 13.10
CA PHE C 155 14.19 -19.20 12.59
C PHE C 155 14.81 -20.26 11.71
N GLY C 156 16.13 -20.26 11.66
CA GLY C 156 16.86 -21.13 10.76
C GLY C 156 16.43 -22.58 10.72
N ASN C 157 16.29 -23.21 11.87
CA ASN C 157 16.05 -24.66 11.86
C ASN C 157 14.63 -25.10 12.18
N ASP C 158 13.76 -24.14 12.47
CA ASP C 158 12.36 -24.43 12.77
C ASP C 158 11.47 -24.38 11.51
N ASP C 159 11.84 -23.51 10.56
CA ASP C 159 11.16 -23.41 9.24
C ASP C 159 12.18 -22.98 8.18
N PRO C 160 12.91 -23.94 7.63
CA PRO C 160 14.10 -23.71 6.78
C PRO C 160 13.74 -23.35 5.35
N SER C 161 12.52 -23.69 4.95
CA SER C 161 12.10 -23.34 3.62
C SER C 161 12.13 -21.82 3.43
N ARG C 162 11.86 -21.02 4.47
CA ARG C 162 12.07 -19.57 4.31
C ARG C 162 13.29 -18.94 5.00
N TRP C 163 13.73 -19.53 6.12
CA TRP C 163 14.86 -18.98 6.90
C TRP C 163 16.12 -19.85 6.88
N GLY C 164 16.08 -20.94 6.12
CA GLY C 164 17.17 -21.89 5.99
C GLY C 164 18.54 -21.26 5.73
N ASP C 165 18.78 -20.82 4.50
CA ASP C 165 19.90 -19.93 4.22
C ASP C 165 19.52 -18.44 4.15
N LEU C 166 20.54 -17.59 4.07
CA LEU C 166 20.41 -16.13 4.03
C LEU C 166 19.67 -15.59 2.77
N GLY C 167 19.93 -16.17 1.61
CA GLY C 167 19.22 -15.79 0.40
C GLY C 167 17.72 -15.96 0.52
N ILE C 168 17.27 -17.12 1.01
CA ILE C 168 15.83 -17.31 1.16
C ILE C 168 15.33 -16.47 2.30
N SER C 169 16.17 -16.30 3.32
CA SER C 169 15.76 -15.48 4.43
C SER C 169 15.35 -14.14 3.85
N LEU C 170 16.16 -13.58 2.96
CA LEU C 170 15.87 -12.27 2.36
C LEU C 170 14.65 -12.29 1.46
N ILE C 171 14.53 -13.32 0.61
CA ILE C 171 13.35 -13.45 -0.25
C ILE C 171 12.06 -13.46 0.60
N THR C 172 12.17 -14.04 1.78
CA THR C 172 11.05 -14.09 2.71
C THR C 172 10.79 -12.74 3.34
N LEU C 173 11.83 -12.13 3.87
CA LEU C 173 11.65 -10.83 4.47
C LEU C 173 11.12 -9.85 3.42
N PHE C 174 11.35 -10.17 2.14
CA PHE C 174 10.90 -9.26 1.09
C PHE C 174 9.41 -9.45 0.81
N GLN C 175 8.98 -10.70 0.83
CA GLN C 175 7.56 -10.95 0.87
C GLN C 175 6.91 -10.22 2.05
N VAL C 176 7.47 -10.35 3.26
CA VAL C 176 6.88 -9.69 4.44
C VAL C 176 6.89 -8.18 4.30
N LEU C 177 7.89 -7.64 3.64
CA LEU C 177 7.93 -6.20 3.41
C LEU C 177 6.68 -5.71 2.69
N THR C 178 6.31 -6.40 1.60
CA THR C 178 5.17 -6.08 0.73
C THR C 178 3.83 -6.60 1.29
N LEU C 179 3.87 -7.09 2.53
CA LEU C 179 2.67 -7.54 3.24
C LEU C 179 1.84 -8.53 2.40
N SER C 180 2.51 -9.43 1.71
CA SER C 180 1.78 -10.41 0.94
C SER C 180 1.56 -11.68 1.76
N SER C 181 0.37 -11.84 2.32
CA SER C 181 0.13 -13.04 3.10
C SER C 181 1.24 -13.26 4.14
N TRP C 182 1.71 -12.19 4.76
CA TRP C 182 2.84 -12.30 5.69
C TRP C 182 2.53 -13.11 6.93
N GLU C 183 1.26 -13.20 7.31
CA GLU C 183 0.90 -13.96 8.49
C GLU C 183 1.31 -15.43 8.33
N THR C 184 1.51 -15.85 7.08
CA THR C 184 1.96 -17.20 6.85
C THR C 184 3.42 -17.40 7.29
N VAL C 185 4.28 -16.42 7.03
CA VAL C 185 5.64 -16.47 7.55
C VAL C 185 5.71 -16.37 9.07
N MET C 186 4.99 -15.41 9.66
CA MET C 186 5.07 -15.09 11.10
C MET C 186 4.43 -16.08 12.08
N LEU C 187 3.15 -16.39 11.89
CA LEU C 187 2.43 -17.20 12.88
C LEU C 187 3.12 -18.54 13.21
N PRO C 188 3.55 -19.31 12.19
CA PRO C 188 4.37 -20.51 12.43
C PRO C 188 5.51 -20.29 13.42
N MET C 189 6.15 -19.14 13.36
CA MET C 189 7.17 -18.78 14.33
C MET C 189 6.56 -18.24 15.63
N GLN C 190 5.34 -17.72 15.55
CA GLN C 190 4.68 -17.16 16.72
C GLN C 190 4.26 -18.20 17.75
N GLU C 191 4.04 -19.44 17.33
CA GLU C 191 3.75 -20.49 18.32
C GLU C 191 4.97 -21.25 18.85
N ILE C 192 6.17 -20.80 18.49
CA ILE C 192 7.42 -21.38 18.95
C ILE C 192 8.25 -20.33 19.72
N TYR C 193 7.97 -19.07 19.44
CA TYR C 193 8.72 -17.98 20.02
C TYR C 193 7.74 -16.83 20.28
N TRP C 194 7.46 -16.58 21.55
CA TRP C 194 6.49 -15.59 21.94
C TRP C 194 6.77 -14.23 21.31
N TRP C 195 8.04 -13.82 21.27
CA TRP C 195 8.45 -12.49 20.78
C TRP C 195 8.34 -12.29 19.25
N SER C 196 7.73 -13.27 18.60
CA SER C 196 7.67 -13.38 17.15
C SER C 196 7.18 -12.09 16.47
N TRP C 197 6.06 -11.57 16.94
CA TRP C 197 5.50 -10.34 16.37
C TRP C 197 6.47 -9.17 16.45
N VAL C 198 7.18 -9.05 17.59
CA VAL C 198 8.14 -7.97 17.77
C VAL C 198 9.12 -7.94 16.63
N TYR C 199 9.53 -9.13 16.23
CA TYR C 199 10.43 -9.23 15.09
C TYR C 199 9.75 -8.68 13.85
N PHE C 200 8.58 -9.22 13.53
CA PHE C 200 7.92 -8.84 12.29
C PHE C 200 7.37 -7.45 12.26
N PHE C 201 6.71 -7.05 13.36
CA PHE C 201 5.99 -5.79 13.34
C PHE C 201 7.03 -4.71 13.24
N SER C 202 8.02 -4.77 14.13
CA SER C 202 9.12 -3.82 14.06
C SER C 202 9.60 -3.79 12.61
N PHE C 203 9.90 -4.96 12.08
CA PHE C 203 10.41 -5.02 10.74
C PHE C 203 9.45 -4.25 9.82
N ILE C 204 8.21 -4.73 9.72
CA ILE C 204 7.20 -4.08 8.90
C ILE C 204 7.24 -2.58 9.18
N ILE C 205 7.02 -2.21 10.44
CA ILE C 205 6.93 -0.80 10.81
C ILE C 205 8.15 -0.04 10.33
N ILE C 206 9.36 -0.52 10.63
CA ILE C 206 10.57 0.19 10.19
C ILE C 206 10.62 0.36 8.66
N CYS C 207 10.39 -0.71 7.90
CA CYS C 207 10.33 -0.56 6.45
C CYS C 207 9.22 0.43 6.09
N SER C 208 8.05 0.25 6.69
CA SER C 208 6.89 1.09 6.40
C SER C 208 7.22 2.57 6.54
N ILE C 209 8.11 2.89 7.46
CA ILE C 209 8.51 4.27 7.70
C ILE C 209 9.39 4.85 6.60
N THR C 210 10.41 4.09 6.16
CA THR C 210 11.46 4.66 5.30
C THR C 210 11.01 4.84 3.83
N ILE C 211 10.20 3.90 3.35
CA ILE C 211 9.42 4.10 2.13
C ILE C 211 8.70 5.43 2.17
N LEU C 212 8.13 5.75 3.33
CA LEU C 212 7.43 7.03 3.52
C LEU C 212 8.35 8.17 3.20
N ASN C 213 9.58 8.09 3.69
CA ASN C 213 10.57 9.12 3.38
C ASN C 213 11.09 9.09 1.97
N LEU C 214 10.99 7.92 1.31
CA LEU C 214 11.37 7.81 -0.09
C LEU C 214 10.42 8.64 -0.90
N VAL C 215 9.14 8.30 -0.78
CA VAL C 215 8.06 9.07 -1.38
C VAL C 215 8.24 10.57 -1.15
N ILE C 216 8.19 10.99 0.10
CA ILE C 216 8.34 12.41 0.39
C ILE C 216 9.56 12.99 -0.33
N ALA C 217 10.69 12.29 -0.22
CA ALA C 217 11.93 12.80 -0.81
C ALA C 217 11.76 13.06 -2.31
N ILE C 218 11.22 12.08 -3.04
CA ILE C 218 11.03 12.29 -4.46
C ILE C 218 10.13 13.49 -4.72
N LEU C 219 9.05 13.60 -3.96
CA LEU C 219 8.14 14.74 -4.06
C LEU C 219 8.97 16.01 -3.98
N VAL C 220 9.77 16.11 -2.92
CA VAL C 220 10.53 17.33 -2.70
C VAL C 220 11.47 17.53 -3.86
N ASP C 221 12.14 16.45 -4.27
CA ASP C 221 13.13 16.59 -5.32
C ASP C 221 12.42 16.92 -6.60
N VAL C 222 11.20 16.43 -6.77
CA VAL C 222 10.42 16.79 -7.96
C VAL C 222 9.91 18.24 -7.95
N VAL C 223 9.75 18.82 -6.76
CA VAL C 223 9.24 20.20 -6.72
C VAL C 223 10.38 21.22 -6.85
N ILE C 224 11.35 21.18 -5.93
CA ILE C 224 12.57 22.00 -6.03
C ILE C 224 13.02 22.06 -7.48
N GLN C 225 13.34 20.90 -8.04
CA GLN C 225 13.68 20.78 -9.45
C GLN C 225 12.51 21.35 -10.29
N LYS C 226 12.44 22.68 -10.40
CA LYS C 226 11.36 23.40 -11.07
C LYS C 226 11.50 24.92 -10.87
N PHE D 14 -27.67 18.46 6.36
CA PHE D 14 -29.10 18.18 6.52
C PHE D 14 -29.62 17.24 5.43
N GLN D 15 -28.71 16.88 4.52
CA GLN D 15 -29.01 15.97 3.41
C GLN D 15 -29.19 14.54 3.88
N PHE D 16 -28.22 14.06 4.66
CA PHE D 16 -28.12 12.66 5.10
C PHE D 16 -29.37 11.77 4.95
N THR D 17 -30.49 12.15 5.56
CA THR D 17 -31.72 11.34 5.53
C THR D 17 -32.04 10.70 4.17
N VAL D 18 -31.99 11.52 3.15
CA VAL D 18 -32.30 11.11 1.77
C VAL D 18 -31.31 10.07 1.22
N VAL D 19 -30.03 10.33 1.46
CA VAL D 19 -29.00 9.34 1.22
C VAL D 19 -29.51 8.05 1.84
N SER D 20 -30.02 8.16 3.07
CA SER D 20 -30.44 6.97 3.79
C SER D 20 -31.55 6.21 3.09
N ILE D 21 -32.62 6.89 2.67
CA ILE D 21 -33.70 6.19 1.97
C ILE D 21 -33.23 5.55 0.66
N ILE D 22 -32.54 6.31 -0.18
CA ILE D 22 -32.04 5.74 -1.43
C ILE D 22 -31.12 4.52 -1.23
N ILE D 23 -30.06 4.73 -0.46
CA ILE D 23 -29.12 3.67 -0.11
C ILE D 23 -29.85 2.45 0.46
N LEU D 24 -30.75 2.70 1.41
CA LEU D 24 -31.46 1.61 2.06
C LEU D 24 -32.28 0.85 1.04
N ASN D 25 -33.21 1.54 0.40
CA ASN D 25 -34.06 0.89 -0.59
C ASN D 25 -33.29 0.38 -1.82
N ALA D 26 -31.96 0.51 -1.77
CA ALA D 26 -31.11 -0.07 -2.81
C ALA D 26 -30.43 -1.39 -2.37
N VAL D 27 -30.11 -1.51 -1.07
CA VAL D 27 -29.54 -2.74 -0.52
C VAL D 27 -30.50 -3.38 0.48
N LEU D 28 -31.64 -3.90 0.02
CA LEU D 28 -32.63 -4.46 0.94
C LEU D 28 -33.43 -5.63 0.38
N ILE D 29 -32.87 -6.84 0.61
CA ILE D 29 -33.50 -8.11 0.24
C ILE D 29 -32.96 -9.20 1.17
N GLY D 30 -31.67 -9.09 1.51
CA GLY D 30 -31.07 -9.92 2.54
C GLY D 30 -31.59 -9.47 3.90
N GLU D 35 -35.59 -10.33 5.94
CA GLU D 35 -37.01 -10.64 6.08
C GLU D 35 -37.66 -9.75 7.14
N LEU D 36 -37.26 -8.48 7.15
CA LEU D 36 -37.58 -7.58 8.28
C LEU D 36 -38.78 -6.64 8.08
N ASP D 37 -38.65 -5.43 8.62
CA ASP D 37 -39.64 -4.36 8.49
C ASP D 37 -40.99 -4.87 7.99
N PRO D 38 -41.90 -5.21 8.92
CA PRO D 38 -43.18 -5.81 8.53
C PRO D 38 -43.72 -5.25 7.22
N LEU D 39 -43.79 -3.92 7.14
CA LEU D 39 -44.33 -3.25 5.97
C LEU D 39 -43.72 -1.85 5.89
N PHE D 40 -42.85 -1.55 6.87
CA PHE D 40 -42.05 -0.33 6.82
C PHE D 40 -41.00 -0.48 5.73
N LEU D 41 -40.68 -1.74 5.43
CA LEU D 41 -39.92 -2.09 4.25
C LEU D 41 -40.59 -1.41 3.07
N GLU D 42 -41.91 -1.53 3.02
CA GLU D 42 -42.75 -0.93 1.97
C GLU D 42 -42.90 0.60 2.05
N THR D 43 -42.92 1.18 3.25
CA THR D 43 -42.84 2.63 3.37
C THR D 43 -41.54 3.13 2.74
N ILE D 44 -40.44 2.44 3.03
CA ILE D 44 -39.15 2.73 2.38
C ILE D 44 -39.24 2.47 0.87
N HIS D 45 -40.11 1.53 0.47
CA HIS D 45 -40.31 1.20 -0.95
C HIS D 45 -40.90 2.39 -1.70
N LEU D 46 -42.20 2.58 -1.47
CA LEU D 46 -42.98 3.64 -2.09
C LEU D 46 -42.32 5.01 -1.87
N LEU D 47 -41.74 5.21 -0.70
CA LEU D 47 -41.10 6.47 -0.34
C LEU D 47 -39.81 6.72 -1.15
N ASP D 48 -38.95 5.70 -1.22
CA ASP D 48 -37.79 5.76 -2.10
C ASP D 48 -38.25 6.04 -3.55
N TYR D 49 -39.47 5.63 -3.92
CA TYR D 49 -40.01 6.03 -5.25
C TYR D 49 -40.46 7.50 -5.36
N GLY D 50 -41.02 8.05 -4.29
CA GLY D 50 -41.35 9.46 -4.24
C GLY D 50 -40.12 10.36 -4.39
N ILE D 51 -39.00 9.91 -3.87
CA ILE D 51 -37.77 10.69 -4.11
C ILE D 51 -37.57 11.13 -5.60
N THR D 52 -37.69 10.21 -6.55
CA THR D 52 -37.29 10.54 -7.92
C THR D 52 -38.16 11.66 -8.49
N ILE D 53 -39.45 11.64 -8.15
CA ILE D 53 -40.41 12.60 -8.71
C ILE D 53 -40.04 14.06 -8.45
N PHE D 54 -39.59 14.44 -7.25
CA PHE D 54 -39.17 15.83 -7.18
C PHE D 54 -37.89 16.14 -7.91
N PHE D 55 -37.24 15.14 -8.47
CA PHE D 55 -36.18 15.47 -9.41
C PHE D 55 -36.74 15.55 -10.84
N VAL D 56 -37.66 14.65 -11.16
CA VAL D 56 -38.41 14.75 -12.40
C VAL D 56 -39.05 16.14 -12.51
N ILE D 57 -39.31 16.76 -11.36
CA ILE D 57 -39.87 18.11 -11.29
C ILE D 57 -38.77 19.18 -11.17
N GLU D 58 -37.90 19.04 -10.18
CA GLU D 58 -36.81 19.99 -10.02
C GLU D 58 -36.14 20.25 -11.35
N ILE D 59 -35.88 19.20 -12.11
CA ILE D 59 -35.19 19.33 -13.39
C ILE D 59 -35.98 20.21 -14.37
N LEU D 60 -37.30 20.11 -14.33
CA LEU D 60 -38.16 20.97 -15.16
C LEU D 60 -38.06 22.43 -14.69
N ILE D 61 -38.04 22.63 -13.39
CA ILE D 61 -38.00 23.97 -12.80
C ILE D 61 -36.83 24.86 -13.27
N ARG D 62 -35.89 24.30 -14.03
CA ARG D 62 -34.71 25.06 -14.46
C ARG D 62 -34.64 25.28 -15.98
N PHE D 63 -34.64 26.56 -16.42
CA PHE D 63 -34.62 26.88 -17.85
C PHE D 63 -34.11 28.26 -18.29
N ILE D 64 -34.27 28.53 -19.60
CA ILE D 64 -33.72 29.68 -20.33
C ILE D 64 -32.47 29.30 -21.16
N GLY D 76 -25.17 19.47 -19.59
CA GLY D 76 -23.91 18.85 -19.24
C GLY D 76 -24.03 17.80 -18.15
N TRP D 77 -24.34 18.24 -16.93
CA TRP D 77 -24.75 17.29 -15.91
C TRP D 77 -26.22 16.90 -16.08
N ASN D 78 -27.00 17.80 -16.69
CA ASN D 78 -28.42 17.55 -16.91
C ASN D 78 -28.68 16.39 -17.87
N ILE D 79 -27.72 16.11 -18.74
CA ILE D 79 -27.84 14.93 -19.59
C ILE D 79 -27.73 13.70 -18.72
N PHE D 80 -27.15 13.87 -17.54
CA PHE D 80 -27.06 12.77 -16.59
C PHE D 80 -28.26 12.75 -15.63
N ASP D 81 -28.56 13.88 -14.98
CA ASP D 81 -29.68 13.94 -14.07
C ASP D 81 -30.98 13.55 -14.78
N THR D 82 -31.08 13.96 -16.04
CA THR D 82 -32.27 13.65 -16.85
C THR D 82 -32.38 12.17 -17.14
N VAL D 83 -31.37 11.59 -17.79
CA VAL D 83 -31.42 10.17 -18.13
C VAL D 83 -31.62 9.31 -16.88
N ILE D 84 -30.89 9.60 -15.81
CA ILE D 84 -30.98 8.84 -14.56
C ILE D 84 -32.34 9.02 -13.88
N VAL D 85 -32.61 10.23 -13.40
CA VAL D 85 -33.90 10.53 -12.79
C VAL D 85 -35.04 9.93 -13.61
N ALA D 86 -34.94 10.03 -14.93
CA ALA D 86 -35.96 9.50 -15.85
C ALA D 86 -36.06 7.97 -15.89
N ILE D 87 -34.91 7.28 -15.97
CA ILE D 87 -34.88 5.82 -15.90
C ILE D 87 -35.21 5.34 -14.49
N SER D 88 -35.14 6.24 -13.53
CA SER D 88 -35.62 5.92 -12.20
C SER D 88 -37.14 6.02 -12.19
N LEU D 89 -37.69 6.70 -13.19
CA LEU D 89 -39.12 7.02 -13.26
C LEU D 89 -39.95 5.84 -13.76
N ILE D 90 -39.29 4.97 -14.50
CA ILE D 90 -39.83 3.72 -15.01
C ILE D 90 -40.22 2.82 -13.82
N PRO D 91 -41.37 2.13 -13.91
CA PRO D 91 -41.76 1.18 -12.85
C PRO D 91 -40.85 -0.07 -12.75
N ILE D 92 -41.45 -1.26 -12.57
CA ILE D 92 -40.67 -2.46 -12.24
C ILE D 92 -41.40 -3.80 -12.49
N PRO D 93 -40.65 -4.82 -12.98
CA PRO D 93 -41.16 -6.16 -13.30
C PRO D 93 -41.82 -6.88 -12.13
N ASN D 94 -43.12 -7.17 -12.26
CA ASN D 94 -43.82 -8.01 -11.29
C ASN D 94 -43.27 -9.44 -11.31
N ASN D 95 -44.10 -10.42 -10.95
CA ASN D 95 -43.68 -11.82 -11.02
C ASN D 95 -43.27 -12.15 -12.45
N SER D 96 -42.40 -11.32 -13.02
CA SER D 96 -42.05 -11.38 -14.43
C SER D 96 -40.65 -10.84 -14.76
N SER D 97 -40.20 -11.12 -15.97
CA SER D 97 -38.94 -10.64 -16.53
C SER D 97 -37.72 -10.75 -15.60
N PHE D 98 -37.53 -9.77 -14.72
CA PHE D 98 -36.29 -9.66 -13.93
C PHE D 98 -35.08 -9.31 -14.82
N LEU D 99 -35.29 -9.31 -16.14
CA LEU D 99 -34.23 -8.93 -17.08
C LEU D 99 -33.62 -7.57 -16.70
N VAL D 100 -34.38 -6.51 -16.94
CA VAL D 100 -33.92 -5.15 -16.76
C VAL D 100 -34.25 -4.60 -15.38
N LEU D 101 -34.59 -5.50 -14.45
CA LEU D 101 -34.81 -5.10 -13.07
C LEU D 101 -33.52 -4.48 -12.54
N ARG D 102 -32.44 -5.25 -12.62
CA ARG D 102 -31.15 -4.88 -12.05
C ARG D 102 -30.53 -3.61 -12.66
N LEU D 103 -30.50 -3.50 -13.98
CA LEU D 103 -30.03 -2.25 -14.61
C LEU D 103 -30.76 -1.05 -14.00
N LEU D 104 -32.08 -1.20 -13.84
CA LEU D 104 -32.92 -0.17 -13.26
C LEU D 104 -32.49 0.17 -11.83
N ARG D 105 -32.23 -0.85 -11.03
CA ARG D 105 -31.70 -0.60 -9.69
C ARG D 105 -30.40 0.24 -9.74
N ILE D 106 -29.52 -0.07 -10.70
CA ILE D 106 -28.30 0.73 -10.88
C ILE D 106 -28.62 2.22 -11.12
N PHE D 107 -29.57 2.52 -12.01
CA PHE D 107 -29.93 3.93 -12.25
C PHE D 107 -30.58 4.60 -11.04
N ARG D 108 -31.42 3.81 -10.36
CA ARG D 108 -32.10 4.26 -9.15
C ARG D 108 -31.13 4.61 -8.04
N VAL D 109 -29.98 3.93 -8.03
CA VAL D 109 -28.94 4.20 -7.05
C VAL D 109 -28.02 5.31 -7.54
N LEU D 110 -28.04 5.54 -8.84
CA LEU D 110 -27.24 6.59 -9.45
C LEU D 110 -27.80 7.98 -9.19
N ARG D 111 -29.11 8.08 -8.95
CA ARG D 111 -29.66 9.39 -8.50
C ARG D 111 -28.84 10.04 -7.35
N LEU D 112 -28.22 9.22 -6.50
CA LEU D 112 -27.39 9.73 -5.41
C LEU D 112 -26.48 10.85 -5.87
N ILE D 113 -25.97 10.73 -7.08
CA ILE D 113 -25.03 11.71 -7.60
C ILE D 113 -25.78 13.00 -7.95
N SER D 114 -26.99 12.83 -8.49
CA SER D 114 -27.85 13.95 -8.83
C SER D 114 -28.16 14.81 -7.61
N VAL D 115 -28.49 14.16 -6.48
CA VAL D 115 -28.84 14.90 -5.27
C VAL D 115 -27.65 15.41 -4.47
N ILE D 116 -26.65 14.56 -4.25
CA ILE D 116 -25.45 14.99 -3.54
C ILE D 116 -24.59 15.73 -4.53
N PRO D 117 -24.13 16.92 -4.16
CA PRO D 117 -23.40 17.68 -5.18
C PRO D 117 -21.91 17.50 -5.02
N GLU D 118 -21.52 17.17 -3.81
CA GLU D 118 -20.09 17.03 -3.51
C GLU D 118 -19.53 15.84 -4.29
N LEU D 119 -20.42 14.91 -4.62
CA LEU D 119 -20.11 13.80 -5.51
C LEU D 119 -19.85 14.26 -6.95
N LYS D 120 -20.66 15.17 -7.47
CA LYS D 120 -20.36 15.79 -8.75
C LYS D 120 -18.97 16.42 -8.74
N GLN D 121 -18.60 17.10 -7.66
CA GLN D 121 -17.18 17.53 -7.54
C GLN D 121 -16.20 16.35 -7.68
N ILE D 122 -16.13 15.53 -6.63
CA ILE D 122 -15.31 14.31 -6.65
C ILE D 122 -15.12 13.77 -8.06
N ILE D 123 -16.22 13.71 -8.81
CA ILE D 123 -16.21 13.07 -10.10
C ILE D 123 -15.55 13.91 -11.18
N GLU D 124 -15.71 15.24 -11.08
CA GLU D 124 -14.97 16.14 -11.96
C GLU D 124 -13.45 16.06 -11.68
N ALA D 125 -13.11 15.90 -10.40
CA ALA D 125 -11.73 15.70 -10.00
C ALA D 125 -11.17 14.42 -10.66
N ILE D 126 -11.93 13.32 -10.50
CA ILE D 126 -11.54 12.03 -11.07
C ILE D 126 -11.30 12.16 -12.57
N LEU D 127 -12.25 12.75 -13.26
CA LEU D 127 -12.16 12.85 -14.70
C LEU D 127 -11.05 13.79 -15.12
N GLU D 128 -10.64 14.69 -14.22
CA GLU D 128 -9.48 15.51 -14.51
C GLU D 128 -8.22 14.67 -14.37
N SER D 129 -8.26 13.64 -13.54
CA SER D 129 -7.07 12.80 -13.37
C SER D 129 -6.92 11.76 -14.48
N VAL D 130 -8.07 11.40 -15.06
CA VAL D 130 -8.13 10.36 -16.11
C VAL D 130 -7.07 10.46 -17.22
N ARG D 131 -6.67 11.66 -17.62
CA ARG D 131 -5.66 11.80 -18.68
C ARG D 131 -4.23 11.30 -18.29
N ARG D 132 -3.66 11.94 -17.26
CA ARG D 132 -2.36 11.54 -16.70
C ARG D 132 -2.40 10.04 -16.35
N VAL D 133 -3.54 9.58 -15.86
CA VAL D 133 -3.69 8.15 -15.56
C VAL D 133 -3.63 7.31 -16.84
N PHE D 134 -4.37 7.69 -17.87
CA PHE D 134 -4.28 7.01 -19.16
C PHE D 134 -2.82 6.83 -19.60
N PHE D 135 -2.04 7.91 -19.63
CA PHE D 135 -0.63 7.81 -20.03
C PHE D 135 0.20 6.86 -19.16
N VAL D 136 0.15 7.05 -17.84
CA VAL D 136 0.95 6.18 -16.99
C VAL D 136 0.50 4.71 -17.10
N SER D 137 -0.76 4.50 -17.43
CA SER D 137 -1.27 3.16 -17.69
C SER D 137 -0.66 2.60 -18.96
N LEU D 138 -0.66 3.37 -20.04
CA LEU D 138 0.06 2.92 -21.24
C LEU D 138 1.45 2.42 -20.84
N LEU D 139 2.12 3.19 -19.99
CA LEU D 139 3.47 2.84 -19.57
C LEU D 139 3.55 1.49 -18.78
N LEU D 140 2.64 1.33 -17.81
CA LEU D 140 2.60 0.08 -17.05
C LEU D 140 2.29 -1.05 -17.98
N PHE D 141 1.63 -0.72 -19.07
CA PHE D 141 1.33 -1.72 -20.04
C PHE D 141 2.59 -2.20 -20.71
N ILE D 142 3.36 -1.27 -21.25
CA ILE D 142 4.64 -1.64 -21.85
C ILE D 142 5.51 -2.52 -20.93
N ILE D 143 5.63 -2.12 -19.66
CA ILE D 143 6.36 -2.96 -18.67
C ILE D 143 5.78 -4.37 -18.53
N LEU D 144 4.45 -4.45 -18.52
CA LEU D 144 3.79 -5.73 -18.44
C LEU D 144 3.90 -6.57 -19.70
N TYR D 145 4.08 -5.95 -20.85
CA TYR D 145 4.21 -6.71 -22.10
C TYR D 145 5.61 -7.29 -22.16
N ILE D 146 6.58 -6.45 -21.84
CA ILE D 146 7.96 -6.92 -21.78
C ILE D 146 8.14 -8.02 -20.75
N TYR D 147 7.57 -7.86 -19.56
CA TYR D 147 7.71 -8.94 -18.58
C TYR D 147 6.82 -10.15 -18.86
N ALA D 148 5.67 -9.94 -19.48
CA ALA D 148 4.81 -11.07 -19.83
C ALA D 148 5.42 -11.91 -20.94
N THR D 149 6.20 -11.27 -21.79
CA THR D 149 7.07 -11.95 -22.78
C THR D 149 8.34 -12.60 -22.11
N MET D 150 9.33 -11.80 -21.71
CA MET D 150 10.46 -12.29 -20.92
C MET D 150 9.97 -13.52 -20.12
N GLY D 151 8.80 -13.39 -19.52
CA GLY D 151 8.33 -14.34 -18.55
C GLY D 151 7.64 -15.55 -19.12
N ALA D 152 6.84 -15.34 -20.17
CA ALA D 152 6.23 -16.46 -20.88
C ALA D 152 7.30 -17.37 -21.53
N ILE D 153 8.38 -16.76 -22.00
CA ILE D 153 9.52 -17.50 -22.57
C ILE D 153 10.28 -18.29 -21.51
N LEU D 154 10.55 -17.66 -20.36
CA LEU D 154 11.26 -18.31 -19.26
C LEU D 154 10.48 -19.40 -18.50
N PHE D 155 9.19 -19.18 -18.28
CA PHE D 155 8.46 -19.98 -17.31
C PHE D 155 7.31 -20.68 -18.02
N GLY D 156 7.25 -20.47 -19.34
CA GLY D 156 6.14 -20.92 -20.12
C GLY D 156 5.88 -22.39 -19.94
N ASN D 157 6.95 -23.15 -19.68
CA ASN D 157 6.88 -24.61 -19.65
C ASN D 157 6.99 -25.25 -18.26
N ASP D 158 6.93 -24.45 -17.20
CA ASP D 158 7.08 -24.93 -15.84
C ASP D 158 5.83 -24.60 -15.08
N ASP D 159 4.97 -23.82 -15.71
CA ASP D 159 3.76 -23.37 -15.06
C ASP D 159 2.89 -22.68 -16.09
N PRO D 160 2.45 -23.44 -17.11
CA PRO D 160 1.63 -22.88 -18.18
C PRO D 160 0.33 -22.27 -17.66
N SER D 161 -0.02 -22.54 -16.41
CA SER D 161 -1.29 -22.11 -15.86
C SER D 161 -1.18 -20.62 -15.53
N ARG D 162 0.04 -20.20 -15.26
CA ARG D 162 0.32 -18.79 -15.12
C ARG D 162 1.08 -18.18 -16.29
N TRP D 163 1.82 -19.02 -17.03
CA TRP D 163 2.80 -18.52 -18.02
C TRP D 163 2.60 -19.05 -19.44
N GLY D 164 1.51 -19.78 -19.64
CA GLY D 164 1.29 -20.52 -20.88
C GLY D 164 1.33 -19.68 -22.14
N ASP D 165 0.63 -18.56 -22.10
CA ASP D 165 0.54 -17.62 -23.22
C ASP D 165 0.80 -16.16 -22.72
N LEU D 166 0.65 -15.14 -23.58
CA LEU D 166 0.54 -13.75 -23.08
C LEU D 166 -0.62 -13.60 -22.08
N GLY D 167 -1.85 -13.58 -22.58
CA GLY D 167 -3.04 -13.48 -21.72
C GLY D 167 -2.82 -13.69 -20.22
N ILE D 168 -2.68 -14.94 -19.77
CA ILE D 168 -2.48 -15.14 -18.33
C ILE D 168 -1.10 -14.69 -17.85
N SER D 169 -0.16 -14.46 -18.76
CA SER D 169 1.09 -13.87 -18.30
C SER D 169 0.80 -12.44 -17.88
N LEU D 170 -0.18 -11.82 -18.53
CA LEU D 170 -0.52 -10.48 -18.19
C LEU D 170 -1.43 -10.46 -16.98
N ILE D 171 -2.42 -11.36 -16.92
CA ILE D 171 -3.19 -11.44 -15.69
C ILE D 171 -2.28 -11.69 -14.48
N THR D 172 -1.39 -12.65 -14.63
CA THR D 172 -0.50 -13.05 -13.56
C THR D 172 0.41 -11.93 -13.11
N LEU D 173 1.13 -11.33 -14.05
CA LEU D 173 1.99 -10.19 -13.73
C LEU D 173 1.19 -9.03 -13.11
N PHE D 174 -0.05 -8.85 -13.52
CA PHE D 174 -0.92 -7.86 -12.91
C PHE D 174 -1.25 -8.22 -11.45
N GLN D 175 -1.48 -9.50 -11.14
CA GLN D 175 -1.63 -9.92 -9.76
C GLN D 175 -0.35 -9.64 -8.94
N VAL D 176 0.80 -9.86 -9.55
CA VAL D 176 2.07 -9.48 -8.91
C VAL D 176 2.16 -7.97 -8.73
N LEU D 177 1.75 -7.24 -9.75
CA LEU D 177 1.71 -5.77 -9.80
C LEU D 177 0.94 -5.20 -8.64
N THR D 178 -0.11 -5.91 -8.20
CA THR D 178 -0.94 -5.53 -7.04
C THR D 178 -0.47 -6.22 -5.76
N LEU D 179 0.72 -6.78 -5.86
CA LEU D 179 1.36 -7.53 -4.76
C LEU D 179 0.48 -8.53 -4.04
N SER D 180 -0.63 -8.94 -4.66
CA SER D 180 -1.55 -9.89 -4.06
C SER D 180 -1.04 -11.30 -4.08
N SER D 181 -0.63 -11.78 -2.90
CA SER D 181 -0.11 -13.14 -2.72
C SER D 181 0.75 -13.60 -3.88
N TRP D 182 1.80 -12.84 -4.16
CA TRP D 182 2.57 -13.00 -5.39
C TRP D 182 3.71 -13.99 -5.21
N GLU D 183 3.98 -14.35 -3.96
CA GLU D 183 5.04 -15.32 -3.69
C GLU D 183 4.60 -16.72 -4.16
N THR D 184 3.30 -16.88 -4.44
CA THR D 184 2.79 -18.10 -5.06
C THR D 184 3.13 -18.19 -6.56
N VAL D 185 3.36 -17.04 -7.17
CA VAL D 185 3.72 -16.94 -8.57
C VAL D 185 5.22 -17.25 -8.75
N MET D 186 6.01 -16.67 -7.87
CA MET D 186 7.46 -16.64 -7.98
C MET D 186 8.19 -17.81 -7.35
N LEU D 187 7.68 -18.30 -6.23
CA LEU D 187 8.43 -19.32 -5.50
C LEU D 187 8.63 -20.67 -6.25
N PRO D 188 7.58 -21.20 -6.92
CA PRO D 188 7.81 -22.29 -7.90
C PRO D 188 9.00 -22.02 -8.83
N MET D 189 8.99 -20.89 -9.55
CA MET D 189 10.08 -20.54 -10.48
C MET D 189 11.42 -20.32 -9.78
N GLN D 190 11.40 -20.24 -8.45
CA GLN D 190 12.61 -19.98 -7.69
C GLN D 190 13.29 -21.30 -7.30
N GLU D 191 12.52 -22.39 -7.24
CA GLU D 191 13.09 -23.73 -7.05
C GLU D 191 13.83 -24.18 -8.31
N ILE D 192 13.21 -23.90 -9.45
CA ILE D 192 13.74 -24.28 -10.75
C ILE D 192 14.86 -23.35 -11.22
N TYR D 193 14.62 -22.03 -11.13
CA TYR D 193 15.48 -20.97 -11.69
C TYR D 193 16.03 -20.00 -10.63
N TRP D 194 17.32 -20.13 -10.31
CA TRP D 194 17.93 -19.43 -9.18
C TRP D 194 17.66 -17.92 -9.17
N TRP D 195 17.77 -17.32 -10.36
CA TRP D 195 17.57 -15.89 -10.58
C TRP D 195 16.13 -15.37 -10.48
N SER D 196 15.15 -16.24 -10.29
CA SER D 196 13.74 -15.79 -10.36
C SER D 196 13.51 -14.38 -9.80
N TRP D 197 14.05 -14.10 -8.62
CA TRP D 197 13.80 -12.82 -7.96
C TRP D 197 14.22 -11.60 -8.80
N VAL D 198 15.43 -11.61 -9.37
CA VAL D 198 15.80 -10.54 -10.29
C VAL D 198 14.67 -10.26 -11.26
N TYR D 199 14.08 -11.31 -11.80
CA TYR D 199 12.93 -11.12 -12.67
C TYR D 199 11.78 -10.45 -11.89
N PHE D 200 11.30 -11.09 -10.85
CA PHE D 200 10.09 -10.60 -10.18
C PHE D 200 10.29 -9.29 -9.45
N PHE D 201 11.40 -9.19 -8.71
CA PHE D 201 11.73 -8.00 -7.93
C PHE D 201 11.89 -6.75 -8.77
N SER D 202 12.70 -6.81 -9.83
CA SER D 202 12.77 -5.65 -10.72
C SER D 202 11.37 -5.34 -11.22
N PHE D 203 10.59 -6.37 -11.55
CA PHE D 203 9.26 -6.14 -12.08
C PHE D 203 8.46 -5.29 -11.13
N ILE D 204 8.55 -5.61 -9.85
CA ILE D 204 7.86 -4.86 -8.83
C ILE D 204 8.50 -3.48 -8.66
N ILE D 205 9.81 -3.45 -8.45
CA ILE D 205 10.50 -2.19 -8.24
C ILE D 205 10.14 -1.21 -9.33
N ILE D 206 10.50 -1.50 -10.59
CA ILE D 206 10.08 -0.70 -11.73
C ILE D 206 8.63 -0.24 -11.55
N CYS D 207 7.70 -1.16 -11.49
CA CYS D 207 6.28 -0.75 -11.35
C CYS D 207 6.06 0.29 -10.26
N SER D 208 6.54 -0.02 -9.05
CA SER D 208 6.45 0.89 -7.92
C SER D 208 6.89 2.30 -8.28
N ILE D 209 8.12 2.45 -8.76
CA ILE D 209 8.64 3.78 -9.06
C ILE D 209 7.68 4.47 -10.00
N THR D 210 7.24 3.76 -11.04
CA THR D 210 6.43 4.44 -12.03
C THR D 210 5.10 4.87 -11.42
N ILE D 211 4.42 3.97 -10.69
CA ILE D 211 3.21 4.37 -9.99
C ILE D 211 3.50 5.57 -9.11
N LEU D 212 4.62 5.50 -8.39
CA LEU D 212 4.98 6.59 -7.50
C LEU D 212 4.93 7.91 -8.28
N ASN D 213 5.65 7.98 -9.40
CA ASN D 213 5.73 9.23 -10.16
C ASN D 213 4.34 9.81 -10.40
N LEU D 214 3.40 8.95 -10.80
CA LEU D 214 2.06 9.35 -11.19
C LEU D 214 1.39 10.13 -10.09
N VAL D 215 1.40 9.55 -8.89
CA VAL D 215 0.73 10.20 -7.76
C VAL D 215 1.26 11.63 -7.65
N ILE D 216 2.59 11.74 -7.56
CA ILE D 216 3.27 13.01 -7.39
C ILE D 216 3.06 13.91 -8.60
N ALA D 217 2.81 13.31 -9.78
CA ALA D 217 2.40 14.09 -10.95
C ALA D 217 1.01 14.68 -10.70
N ILE D 218 0.05 13.80 -10.42
CA ILE D 218 -1.28 14.28 -10.11
C ILE D 218 -1.27 15.24 -8.91
N LEU D 219 -0.78 14.79 -7.77
CA LEU D 219 -0.69 15.69 -6.62
C LEU D 219 0.22 16.89 -6.88
N VAL D 220 0.32 17.33 -8.13
CA VAL D 220 0.92 18.65 -8.37
C VAL D 220 0.09 19.47 -9.34
N ASP D 221 -0.64 18.78 -10.22
CA ASP D 221 -1.59 19.44 -11.12
C ASP D 221 -2.66 20.12 -10.29
N VAL D 222 -3.21 19.40 -9.31
CA VAL D 222 -4.26 19.97 -8.47
C VAL D 222 -3.79 21.20 -7.70
N VAL D 223 -2.73 21.08 -6.90
CA VAL D 223 -2.20 22.27 -6.23
C VAL D 223 -1.89 23.38 -7.23
N ILE D 224 -1.75 23.02 -8.52
CA ILE D 224 -1.47 24.02 -9.53
C ILE D 224 -2.55 25.09 -9.55
N GLN D 225 -3.81 24.68 -9.45
CA GLN D 225 -4.91 25.64 -9.40
C GLN D 225 -4.69 26.67 -8.30
N LYS D 226 -4.24 26.18 -7.14
CA LYS D 226 -4.09 27.01 -5.94
C LYS D 226 -2.95 28.04 -6.07
N LYS D 227 -1.75 27.55 -6.41
CA LYS D 227 -0.54 28.37 -6.62
C LYS D 227 0.41 28.40 -5.41
C1 BNG E . -24.64 -8.39 4.34
C2 BNG E . -25.56 -8.48 5.56
C3 BNG E . -25.63 -9.91 6.09
C4 BNG E . -25.92 -10.89 4.96
C5 BNG E . -24.98 -10.66 3.77
C6 BNG E . -25.31 -11.59 2.62
C1' BNG E . -23.53 -6.78 3.02
C2' BNG E . -23.37 -5.28 2.85
C3' BNG E . -22.11 -4.93 2.08
C4' BNG E . -21.58 -3.56 2.47
C5' BNG E . -20.88 -2.89 1.29
C6' BNG E . -19.82 -1.91 1.77
C7' BNG E . -19.43 -0.94 0.66
C8' BNG E . -19.15 0.45 1.23
C9' BNG E . -17.86 1.01 0.67
O1 BNG E . -24.67 -7.06 3.83
O2 BNG E . -25.07 -7.61 6.59
O3 BNG E . -26.66 -10.00 7.08
O4 BNG E . -25.75 -12.23 5.43
O5 BNG E . -25.09 -9.31 3.34
O6 BNG E . -26.68 -11.99 2.71
C1 BNG F . -6.63 -12.18 -21.86
C2 BNG F . -7.58 -12.30 -23.05
C3 BNG F . -8.53 -13.49 -22.88
C4 BNG F . -7.76 -14.75 -22.51
C5 BNG F . -6.81 -14.48 -21.35
C6 BNG F . -5.98 -15.72 -21.02
C1' BNG F . -5.20 -10.59 -20.87
C2' BNG F . -4.62 -9.20 -21.12
C3' BNG F . -4.89 -8.27 -19.94
C4' BNG F . -4.12 -6.97 -20.08
C5' BNG F . -3.65 -6.46 -18.73
C6' BNG F . -3.68 -4.94 -18.68
C7' BNG F . -2.57 -4.41 -17.78
C8' BNG F . -2.41 -2.90 -17.95
C9' BNG F . -2.22 -2.21 -16.62
O1 BNG F . -5.70 -11.12 -22.10
O2 BNG F . -8.34 -11.09 -23.18
O3 BNG F . -9.24 -13.70 -24.11
O4 BNG F . -8.69 -15.77 -22.14
O5 BNG F . -5.93 -13.41 -21.69
O6 BNG F . -6.10 -16.66 -22.10
CA CA G . 0.32 31.53 5.42
C6 PX4 H . 2.25 1.88 11.66
C7 PX4 H . 2.16 1.97 10.14
C8 PX4 H . 2.99 3.16 9.64
O5 PX4 H . 2.29 3.83 8.61
C9 PX4 H . 3.02 4.34 7.46
O6 PX4 H . 4.09 4.89 7.62
C10 PX4 H . 2.43 4.19 6.07
C11 PX4 H . 3.38 4.78 5.05
C12 PX4 H . 3.59 3.82 3.87
C13 PX4 H . 3.57 4.57 2.55
C14 PX4 H . 2.24 5.28 2.34
C15 PX4 H . 2.30 6.21 1.13
C16 PX4 H . 0.91 6.73 0.77
C17 PX4 H . 0.65 6.61 -0.72
C18 PX4 H . -0.84 6.42 -1.00
C19 PX4 H . -1.06 5.72 -2.33
C20 PX4 H . -2.48 5.96 -2.85
C21 PX4 H . -3.01 4.73 -3.58
C22 PX4 H . -2.96 4.91 -5.07
O7 PX4 H . 2.65 0.77 9.56
C23 PX4 H . 1.63 0.11 8.75
O8 PX4 H . 0.76 -0.54 9.29
C24 PX4 H . 1.67 0.25 7.25
C25 PX4 H . 0.26 0.12 6.70
C26 PX4 H . 0.28 -0.10 5.18
C27 PX4 H . -1.06 -0.64 4.69
C28 PX4 H . -1.01 -0.94 3.20
C29 PX4 H . -1.72 0.16 2.40
C30 PX4 H . -1.21 1.54 2.81
C31 PX4 H . -2.19 2.22 3.77
C32 PX4 H . -3.32 2.91 3.00
C33 PX4 H . -2.80 4.12 2.25
C34 PX4 H . -3.07 5.41 3.01
C35 PX4 H . -4.18 6.22 2.33
C36 PX4 H . -5.49 5.47 2.35
CA CA I . -1.71 -6.20 0.16
C1 BNG J . 1.41 -11.18 22.40
C2 BNG J . 2.28 -11.55 23.60
C3 BNG J . 2.64 -13.03 23.58
C4 BNG J . 1.40 -13.90 23.36
C5 BNG J . 0.59 -13.39 22.17
C6 BNG J . -0.69 -14.20 22.01
C1' BNG J . 0.48 -9.34 21.27
C2' BNG J . 1.23 -8.08 20.84
C3' BNG J . 0.26 -7.05 20.24
C4' BNG J . 1.01 -5.79 19.82
C5' BNG J . 0.17 -4.95 18.88
C6' BNG J . 0.91 -3.69 18.46
C7' BNG J . -0.01 -2.73 17.71
C8' BNG J . 0.73 -1.44 17.35
C9' BNG J . 0.05 -0.75 16.17
O1 BNG J . 1.01 -9.82 22.50
O2 BNG J . 3.48 -10.77 23.57
O3 BNG J . 3.26 -13.39 24.81
O4 BNG J . 1.80 -15.24 23.12
O5 BNG J . 0.26 -12.02 22.38
O6 BNG J . -0.56 -15.45 22.69
C1 BNG K . 19.20 -16.15 -3.58
C2 BNG K . 20.32 -16.68 -4.48
C3 BNG K . 20.01 -18.09 -4.97
C4 BNG K . 19.61 -18.99 -3.81
C5 BNG K . 18.54 -18.33 -2.95
C6 BNG K . 18.18 -19.20 -1.74
C1' BNG K . 18.42 -14.13 -2.64
C2' BNG K . 18.76 -12.65 -2.62
C3' BNG K . 17.50 -11.80 -2.44
C4' BNG K . 17.84 -10.32 -2.40
C5' BNG K . 16.59 -9.47 -2.19
C6' BNG K . 16.92 -8.17 -1.48
C7' BNG K . 16.38 -6.97 -2.25
C8' BNG K . 16.26 -5.75 -1.33
C9' BNG K . 15.74 -4.56 -2.10
O1 BNG K . 19.57 -14.88 -3.06
O2 BNG K . 20.47 -15.80 -5.60
O3 BNG K . 21.16 -18.63 -5.61
O4 BNG K . 19.11 -20.23 -4.32
O5 BNG K . 19.00 -17.06 -2.50
O6 BNG K . 19.13 -20.27 -1.64
#